data_418D
# 
_entry.id   418D 
# 
_audit_conform.dict_name       mmcif_pdbx.dic 
_audit_conform.dict_version    5.389 
_audit_conform.dict_location   http://mmcif.pdb.org/dictionaries/ascii/mmcif_pdbx.dic 
# 
loop_
_database_2.database_id 
_database_2.database_code 
_database_2.pdbx_database_accession 
_database_2.pdbx_DOI 
PDB   418D         pdb_0000418d 10.2210/pdb418d/pdb 
NDB   DR0001       ?            ?                   
RCSB  RCSB001349   ?            ?                   
WWPDB D_1000001349 ?            ?                   
# 
loop_
_pdbx_audit_revision_history.ordinal 
_pdbx_audit_revision_history.data_content_type 
_pdbx_audit_revision_history.major_revision 
_pdbx_audit_revision_history.minor_revision 
_pdbx_audit_revision_history.revision_date 
1 'Structure model' 1 0 2003-06-10 
2 'Structure model' 1 1 2008-04-02 
3 'Structure model' 1 2 2011-07-13 
4 'Structure model' 1 3 2017-10-04 
5 'Structure model' 1 4 2023-12-27 
6 'Structure model' 1 5 2024-04-03 
# 
_pdbx_audit_revision_details.ordinal             1 
_pdbx_audit_revision_details.revision_ordinal    1 
_pdbx_audit_revision_details.data_content_type   'Structure model' 
_pdbx_audit_revision_details.provider            repository 
_pdbx_audit_revision_details.type                'Initial release' 
_pdbx_audit_revision_details.description         ? 
_pdbx_audit_revision_details.details             ? 
# 
loop_
_pdbx_audit_revision_group.ordinal 
_pdbx_audit_revision_group.revision_ordinal 
_pdbx_audit_revision_group.data_content_type 
_pdbx_audit_revision_group.group 
1 2 'Structure model' 'Version format compliance' 
2 3 'Structure model' 'Version format compliance' 
3 4 'Structure model' Advisory                    
4 4 'Structure model' 'Refinement description'    
5 5 'Structure model' Advisory                    
6 5 'Structure model' 'Data collection'           
7 5 'Structure model' 'Database references'       
8 6 'Structure model' 'Refinement description'    
# 
loop_
_pdbx_audit_revision_category.ordinal 
_pdbx_audit_revision_category.revision_ordinal 
_pdbx_audit_revision_category.data_content_type 
_pdbx_audit_revision_category.category 
1 4 'Structure model' pdbx_unobs_or_zero_occ_atoms  
2 4 'Structure model' software                      
3 5 'Structure model' chem_comp_atom                
4 5 'Structure model' chem_comp_bond                
5 5 'Structure model' database_2                    
6 5 'Structure model' pdbx_unobs_or_zero_occ_atoms  
7 6 'Structure model' pdbx_initial_refinement_model 
# 
loop_
_pdbx_audit_revision_item.ordinal 
_pdbx_audit_revision_item.revision_ordinal 
_pdbx_audit_revision_item.data_content_type 
_pdbx_audit_revision_item.item 
1 5 'Structure model' '_database_2.pdbx_DOI'                
2 5 'Structure model' '_database_2.pdbx_database_accession' 
# 
_pdbx_database_status.status_code                     REL 
_pdbx_database_status.entry_id                        418D 
_pdbx_database_status.recvd_initial_deposition_date   1998-08-12 
_pdbx_database_status.deposit_site                    NDB 
_pdbx_database_status.process_site                    NDB 
_pdbx_database_status.status_code_sf                  REL 
_pdbx_database_status.SG_entry                        . 
_pdbx_database_status.status_code_mr                  ? 
_pdbx_database_status.pdb_format_compatible           Y 
_pdbx_database_status.status_code_cs                  ? 
_pdbx_database_status.methods_development_category    ? 
_pdbx_database_status.status_code_nmr_data            ? 
# 
loop_
_audit_author.name 
_audit_author.pdbx_ordinal 
'Mitra, S.N.'       1 
'Biswas, R.'        2 
'Shi, K.'           3 
'Sundaralingam, M.' 4 
# 
_citation.id                        primary 
_citation.title                     
;Crystal structure of an RNA duplex [r(gugcaca)dC]2 with 3'-dinucleoside overhangs forming a superhelix.
;
_citation.journal_abbrev            J.Biomol.Struct.Dyn. 
_citation.journal_volume            11 
_citation.page_first                189 
_citation.page_last                 194 
_citation.year                      2000 
_citation.journal_id_ASTM           JBSDD6 
_citation.country                   US 
_citation.journal_id_ISSN           0739-1102 
_citation.journal_id_CSD            0646 
_citation.book_publisher            ? 
_citation.pdbx_database_id_PubMed   -1 
_citation.pdbx_database_id_DOI      ? 
# 
loop_
_citation_author.citation_id 
_citation_author.name 
_citation_author.ordinal 
_citation_author.identifier_ORCID 
primary 'Mitra, S.N.'       1 ? 
primary 'Biswas, R.'        2 ? 
primary 'Shi, K.'           3 ? 
primary 'Sundaralingam, M.' 4 ? 
# 
loop_
_entity.id 
_entity.type 
_entity.src_method 
_entity.pdbx_description 
_entity.formula_weight 
_entity.pdbx_number_of_molecules 
_entity.pdbx_ec 
_entity.pdbx_mutation 
_entity.pdbx_fragment 
_entity.details 
1 polymer man 
;RNA (5'-R(*GP*UP*GP*CP*AP*CP*AP*C)-3')
;
2509.577 2  ? ? ? ? 
2 water   nat water                                    18.015   28 ? ? ? ? 
# 
_entity_poly.entity_id                      1 
_entity_poly.type                           'polydeoxyribonucleotide/polyribonucleotide hybrid' 
_entity_poly.nstd_linkage                   no 
_entity_poly.nstd_monomer                   no 
_entity_poly.pdbx_seq_one_letter_code       'GUGCACA(DC)' 
_entity_poly.pdbx_seq_one_letter_code_can   GUGCACAC 
_entity_poly.pdbx_strand_id                 A,B 
_entity_poly.pdbx_target_identifier         ? 
# 
_pdbx_entity_nonpoly.entity_id   2 
_pdbx_entity_nonpoly.name        water 
_pdbx_entity_nonpoly.comp_id     HOH 
# 
loop_
_entity_poly_seq.entity_id 
_entity_poly_seq.num 
_entity_poly_seq.mon_id 
_entity_poly_seq.hetero 
1 1 G  n 
1 2 U  n 
1 3 G  n 
1 4 C  n 
1 5 A  n 
1 6 C  n 
1 7 A  n 
1 8 DC n 
# 
loop_
_chem_comp.id 
_chem_comp.type 
_chem_comp.mon_nstd_flag 
_chem_comp.name 
_chem_comp.pdbx_synonyms 
_chem_comp.formula 
_chem_comp.formula_weight 
A   'RNA linking' y "ADENOSINE-5'-MONOPHOSPHATE"        ? 'C10 H14 N5 O7 P' 347.221 
C   'RNA linking' y "CYTIDINE-5'-MONOPHOSPHATE"         ? 'C9 H14 N3 O8 P'  323.197 
DC  'DNA linking' y "2'-DEOXYCYTIDINE-5'-MONOPHOSPHATE" ? 'C9 H14 N3 O7 P'  307.197 
G   'RNA linking' y "GUANOSINE-5'-MONOPHOSPHATE"        ? 'C10 H14 N5 O8 P' 363.221 
HOH non-polymer   . WATER                               ? 'H2 O'            18.015  
U   'RNA linking' y "URIDINE-5'-MONOPHOSPHATE"          ? 'C9 H13 N2 O9 P'  324.181 
# 
loop_
_pdbx_poly_seq_scheme.asym_id 
_pdbx_poly_seq_scheme.entity_id 
_pdbx_poly_seq_scheme.seq_id 
_pdbx_poly_seq_scheme.mon_id 
_pdbx_poly_seq_scheme.ndb_seq_num 
_pdbx_poly_seq_scheme.pdb_seq_num 
_pdbx_poly_seq_scheme.auth_seq_num 
_pdbx_poly_seq_scheme.pdb_mon_id 
_pdbx_poly_seq_scheme.auth_mon_id 
_pdbx_poly_seq_scheme.pdb_strand_id 
_pdbx_poly_seq_scheme.pdb_ins_code 
_pdbx_poly_seq_scheme.hetero 
A 1 1 G  1 1  1  G  G A . n 
A 1 2 U  2 2  2  U  U A . n 
A 1 3 G  3 3  3  G  G A . n 
A 1 4 C  4 4  4  C  C A . n 
A 1 5 A  5 5  5  A  A A . n 
A 1 6 C  6 6  6  C  C A . n 
A 1 7 A  7 7  7  A  A A . n 
A 1 8 DC 8 8  8  DC C A . n 
B 1 1 G  1 9  9  G  G B . n 
B 1 2 U  2 10 10 U  U B . n 
B 1 3 G  3 11 11 G  G B . n 
B 1 4 C  4 12 12 C  C B . n 
B 1 5 A  5 13 13 A  A B . n 
B 1 6 C  6 14 14 C  C B . n 
B 1 7 A  7 15 15 A  A B . n 
B 1 8 DC 8 16 16 DC C B . n 
# 
loop_
_pdbx_nonpoly_scheme.asym_id 
_pdbx_nonpoly_scheme.entity_id 
_pdbx_nonpoly_scheme.mon_id 
_pdbx_nonpoly_scheme.ndb_seq_num 
_pdbx_nonpoly_scheme.pdb_seq_num 
_pdbx_nonpoly_scheme.auth_seq_num 
_pdbx_nonpoly_scheme.pdb_mon_id 
_pdbx_nonpoly_scheme.auth_mon_id 
_pdbx_nonpoly_scheme.pdb_strand_id 
_pdbx_nonpoly_scheme.pdb_ins_code 
C 2 HOH 1  201 201 HOH HOH A . 
C 2 HOH 2  202 202 HOH HOH A . 
C 2 HOH 3  203 203 HOH HOH A . 
C 2 HOH 4  204 204 HOH HOH A . 
C 2 HOH 5  205 205 HOH HOH A . 
C 2 HOH 6  206 206 HOH HOH A . 
C 2 HOH 7  212 212 HOH HOH A . 
C 2 HOH 8  216 216 HOH HOH A . 
C 2 HOH 9  221 221 HOH HOH A . 
C 2 HOH 10 223 223 HOH HOH A . 
C 2 HOH 11 224 224 HOH HOH A . 
C 2 HOH 12 228 228 HOH HOH A . 
D 2 HOH 1  207 207 HOH HOH B . 
D 2 HOH 2  208 208 HOH HOH B . 
D 2 HOH 3  209 209 HOH HOH B . 
D 2 HOH 4  210 210 HOH HOH B . 
D 2 HOH 5  211 211 HOH HOH B . 
D 2 HOH 6  213 213 HOH HOH B . 
D 2 HOH 7  214 214 HOH HOH B . 
D 2 HOH 8  215 215 HOH HOH B . 
D 2 HOH 9  217 217 HOH HOH B . 
D 2 HOH 10 218 218 HOH HOH B . 
D 2 HOH 11 219 219 HOH HOH B . 
D 2 HOH 12 220 220 HOH HOH B . 
D 2 HOH 13 222 222 HOH HOH B . 
D 2 HOH 14 225 225 HOH HOH B . 
D 2 HOH 15 226 226 HOH HOH B . 
D 2 HOH 16 227 227 HOH HOH B . 
# 
loop_
_pdbx_unobs_or_zero_occ_atoms.id 
_pdbx_unobs_or_zero_occ_atoms.PDB_model_num 
_pdbx_unobs_or_zero_occ_atoms.polymer_flag 
_pdbx_unobs_or_zero_occ_atoms.occupancy_flag 
_pdbx_unobs_or_zero_occ_atoms.auth_asym_id 
_pdbx_unobs_or_zero_occ_atoms.auth_comp_id 
_pdbx_unobs_or_zero_occ_atoms.auth_seq_id 
_pdbx_unobs_or_zero_occ_atoms.PDB_ins_code 
_pdbx_unobs_or_zero_occ_atoms.auth_atom_id 
_pdbx_unobs_or_zero_occ_atoms.label_alt_id 
_pdbx_unobs_or_zero_occ_atoms.label_asym_id 
_pdbx_unobs_or_zero_occ_atoms.label_comp_id 
_pdbx_unobs_or_zero_occ_atoms.label_seq_id 
_pdbx_unobs_or_zero_occ_atoms.label_atom_id 
1  1 Y 0 B A 15 ? N9 ? B A 7 N9 
2  1 Y 0 B A 15 ? C8 ? B A 7 C8 
3  1 Y 0 B A 15 ? N7 ? B A 7 N7 
4  1 Y 0 B A 15 ? C5 ? B A 7 C5 
5  1 Y 0 B A 15 ? C6 ? B A 7 C6 
6  1 Y 0 B A 15 ? N6 ? B A 7 N6 
7  1 Y 0 B A 15 ? N1 ? B A 7 N1 
8  1 Y 0 B A 15 ? C2 ? B A 7 C2 
9  1 Y 0 B A 15 ? N3 ? B A 7 N3 
10 1 Y 0 B A 15 ? C4 ? B A 7 C4 
# 
loop_
_software.name 
_software.classification 
_software.version 
_software.citation_id 
_software.pdbx_ordinal 
X-GEN  'data scaling'   . ? 1 
X-GEN  'data reduction' . ? 2 
AMoRE  phasing          . ? 3 
X-PLOR refinement       . ? 4 
# 
_cell.entry_id           418D 
_cell.length_a           24.290 
_cell.length_b           45.250 
_cell.length_c           73.680 
_cell.angle_alpha        90.00 
_cell.angle_beta         90.00 
_cell.angle_gamma        90.00 
_cell.Z_PDB              16 
_cell.pdbx_unique_axis   ? 
_cell.length_a_esd       ? 
_cell.length_b_esd       ? 
_cell.length_c_esd       ? 
_cell.angle_alpha_esd    ? 
_cell.angle_beta_esd     ? 
_cell.angle_gamma_esd    ? 
# 
_symmetry.entry_id                         418D 
_symmetry.space_group_name_H-M             'I 21 21 21' 
_symmetry.pdbx_full_space_group_name_H-M   ? 
_symmetry.cell_setting                     ? 
_symmetry.Int_Tables_number                24 
_symmetry.space_group_name_Hall            ? 
# 
_exptl.entry_id          418D 
_exptl.method            'X-RAY DIFFRACTION' 
_exptl.crystals_number   1 
# 
_exptl_crystal.id                    1 
_exptl_crystal.density_meas          ? 
_exptl_crystal.density_percent_sol   38.62 
_exptl_crystal.density_Matthews      2.00 
_exptl_crystal.description           ? 
_exptl_crystal.F_000                 ? 
_exptl_crystal.preparation           ? 
# 
_exptl_crystal_grow.crystal_id      1 
_exptl_crystal_grow.method          ? 
_exptl_crystal_grow.temp            ? 
_exptl_crystal_grow.temp_details    ? 
_exptl_crystal_grow.pH              7.00 
_exptl_crystal_grow.pdbx_details    'pH 7.00' 
_exptl_crystal_grow.pdbx_pH_range   . 
# 
_diffrn.id                     1 
_diffrn.ambient_temp           291.00 
_diffrn.ambient_temp_details   ? 
_diffrn.crystal_id             1 
# 
_diffrn_detector.diffrn_id              1 
_diffrn_detector.detector               'AREA DETECTOR' 
_diffrn_detector.type                   NICOLET 
_diffrn_detector.pdbx_collection_date   ? 
_diffrn_detector.details                ? 
# 
_diffrn_radiation.diffrn_id                        1 
_diffrn_radiation.wavelength_id                    1 
_diffrn_radiation.pdbx_monochromatic_or_laue_m_l   M 
_diffrn_radiation.monochromator                    ? 
_diffrn_radiation.pdbx_diffrn_protocol             'SINGLE WAVELENGTH' 
_diffrn_radiation.pdbx_scattering_type             x-ray 
# 
_diffrn_radiation_wavelength.id           1 
_diffrn_radiation_wavelength.wavelength   . 
_diffrn_radiation_wavelength.wt           1.0 
# 
_diffrn_source.diffrn_id                   1 
_diffrn_source.source                      'ROTATING ANODE' 
_diffrn_source.type                        SIEMENS 
_diffrn_source.pdbx_synchrotron_site       ? 
_diffrn_source.pdbx_synchrotron_beamline   ? 
_diffrn_source.pdbx_wavelength             ? 
_diffrn_source.pdbx_wavelength_list        ? 
# 
_reflns.entry_id                     418D 
_reflns.observed_criterion_sigma_I   1.000 
_reflns.observed_criterion_sigma_F   ? 
_reflns.d_resolution_low             ? 
_reflns.d_resolution_high            2.400 
_reflns.number_obs                   1314 
_reflns.number_all                   ? 
_reflns.percent_possible_obs         72.900 
_reflns.pdbx_Rmerge_I_obs            0.042 
_reflns.pdbx_Rsym_value              ? 
_reflns.pdbx_netI_over_sigmaI        ? 
_reflns.B_iso_Wilson_estimate        ? 
_reflns.pdbx_redundancy              ? 
_reflns.R_free_details               ? 
_reflns.pdbx_chi_squared             ? 
_reflns.pdbx_scaling_rejects         ? 
_reflns.pdbx_diffrn_id               1 
_reflns.pdbx_ordinal                 1 
# 
_refine.entry_id                                 418D 
_refine.ls_number_reflns_obs                     1235 
_refine.ls_number_reflns_all                     1235 
_refine.pdbx_ls_sigma_I                          ? 
_refine.pdbx_ls_sigma_F                          2.000 
_refine.pdbx_data_cutoff_high_absF               ? 
_refine.pdbx_data_cutoff_low_absF                ? 
_refine.pdbx_data_cutoff_high_rms_absF           ? 
_refine.ls_d_res_low                             8.000 
_refine.ls_d_res_high                            2.400 
_refine.ls_percent_reflns_obs                    73.000 
_refine.ls_R_factor_obs                          0.208 
_refine.ls_R_factor_all                          ? 
_refine.ls_R_factor_R_work                       0.208 
_refine.ls_R_factor_R_free                       0.259 
_refine.ls_R_factor_R_free_error                 ? 
_refine.ls_R_factor_R_free_error_details         ? 
_refine.ls_percent_reflns_R_free                 10.000 
_refine.ls_number_reflns_R_free                  126 
_refine.ls_number_parameters                     ? 
_refine.ls_number_restraints                     ? 
_refine.occupancy_min                            ? 
_refine.occupancy_max                            ? 
_refine.B_iso_mean                               ? 
_refine.aniso_B[1][1]                            ? 
_refine.aniso_B[2][2]                            ? 
_refine.aniso_B[3][3]                            ? 
_refine.aniso_B[1][2]                            ? 
_refine.aniso_B[1][3]                            ? 
_refine.aniso_B[2][3]                            ? 
_refine.solvent_model_details                    ? 
_refine.solvent_model_param_ksol                 ? 
_refine.solvent_model_param_bsol                 ? 
_refine.pdbx_ls_cross_valid_method               THROUGHOUT 
_refine.details                                  ? 
_refine.pdbx_starting_model                      'R(GUAUAUA)DC' 
_refine.pdbx_method_to_determine_struct          'MOLECULAR REPLACEMENT' 
_refine.pdbx_isotropic_thermal_model             ISOTROPIC 
_refine.pdbx_stereochemistry_target_values       ? 
_refine.pdbx_stereochem_target_val_spec_case     ? 
_refine.pdbx_R_Free_selection_details            RANDOM 
_refine.pdbx_overall_ESU_R                       ? 
_refine.pdbx_overall_ESU_R_Free                  ? 
_refine.overall_SU_ML                            ? 
_refine.overall_SU_B                             ? 
_refine.ls_redundancy_reflns_obs                 ? 
_refine.correlation_coeff_Fo_to_Fc               ? 
_refine.correlation_coeff_Fo_to_Fc_free          ? 
_refine.pdbx_solvent_vdw_probe_radii             ? 
_refine.pdbx_solvent_ion_probe_radii             ? 
_refine.pdbx_solvent_shrinkage_radii             ? 
_refine.overall_SU_R_Cruickshank_DPI             ? 
_refine.overall_SU_R_free                        ? 
_refine.pdbx_refine_id                           'X-RAY DIFFRACTION' 
_refine.pdbx_overall_phase_error                 ? 
_refine.ls_wR_factor_R_free                      ? 
_refine.ls_wR_factor_R_work                      ? 
_refine.overall_FOM_free_R_set                   ? 
_refine.overall_FOM_work_R_set                   ? 
_refine.pdbx_diffrn_id                           1 
_refine.pdbx_TLS_residual_ADP_flag               ? 
_refine.pdbx_overall_SU_R_free_Cruickshank_DPI   ? 
_refine.pdbx_overall_SU_R_Blow_DPI               ? 
_refine.pdbx_overall_SU_R_free_Blow_DPI          ? 
# 
_refine_analyze.entry_id                        418D 
_refine_analyze.Luzzati_coordinate_error_obs    0.35 
_refine_analyze.Luzzati_sigma_a_obs             ? 
_refine_analyze.Luzzati_d_res_low_obs           8.00 
_refine_analyze.Luzzati_coordinate_error_free   ? 
_refine_analyze.Luzzati_sigma_a_free            ? 
_refine_analyze.Luzzati_d_res_low_free          ? 
_refine_analyze.number_disordered_residues      ? 
_refine_analyze.occupancy_sum_hydrogen          ? 
_refine_analyze.occupancy_sum_non_hydrogen      ? 
_refine_analyze.pdbx_refine_id                  'X-RAY DIFFRACTION' 
# 
_refine_hist.pdbx_refine_id                   'X-RAY DIFFRACTION' 
_refine_hist.cycle_id                         LAST 
_refine_hist.pdbx_number_atoms_protein        0 
_refine_hist.pdbx_number_atoms_nucleic_acid   332 
_refine_hist.pdbx_number_atoms_ligand         0 
_refine_hist.number_atoms_solvent             28 
_refine_hist.number_atoms_total               360 
_refine_hist.d_res_high                       2.400 
_refine_hist.d_res_low                        8.000 
# 
loop_
_refine_ls_restr.type 
_refine_ls_restr.dev_ideal 
_refine_ls_restr.dev_ideal_target 
_refine_ls_restr.weight 
_refine_ls_restr.number 
_refine_ls_restr.pdbx_refine_id 
_refine_ls_restr.pdbx_restraint_function 
x_bond_d                0.004 ? ? ? 'X-RAY DIFFRACTION' ? 
x_bond_d_na             ?     ? ? ? 'X-RAY DIFFRACTION' ? 
x_bond_d_prot           ?     ? ? ? 'X-RAY DIFFRACTION' ? 
x_angle_d               ?     ? ? ? 'X-RAY DIFFRACTION' ? 
x_angle_d_na            ?     ? ? ? 'X-RAY DIFFRACTION' ? 
x_angle_d_prot          ?     ? ? ? 'X-RAY DIFFRACTION' ? 
x_angle_deg             1.80  ? ? ? 'X-RAY DIFFRACTION' ? 
x_angle_deg_na          ?     ? ? ? 'X-RAY DIFFRACTION' ? 
x_angle_deg_prot        ?     ? ? ? 'X-RAY DIFFRACTION' ? 
x_dihedral_angle_d      16.8  ? ? ? 'X-RAY DIFFRACTION' ? 
x_dihedral_angle_d_na   ?     ? ? ? 'X-RAY DIFFRACTION' ? 
x_dihedral_angle_d_prot ?     ? ? ? 'X-RAY DIFFRACTION' ? 
x_improper_angle_d      2.10  ? ? ? 'X-RAY DIFFRACTION' ? 
x_improper_angle_d_na   ?     ? ? ? 'X-RAY DIFFRACTION' ? 
x_improper_angle_d_prot ?     ? ? ? 'X-RAY DIFFRACTION' ? 
x_mcbond_it             ?     ? ? ? 'X-RAY DIFFRACTION' ? 
x_mcangle_it            ?     ? ? ? 'X-RAY DIFFRACTION' ? 
x_scbond_it             ?     ? ? ? 'X-RAY DIFFRACTION' ? 
x_scangle_it            ?     ? ? ? 'X-RAY DIFFRACTION' ? 
# 
_pdbx_xplor_file.serial_no        1 
_pdbx_xplor_file.param_file       PARAM_ND.DNA 
_pdbx_xplor_file.topol_file       TOP_NDBX.DNA 
_pdbx_xplor_file.pdbx_refine_id   'X-RAY DIFFRACTION' 
# 
_struct.entry_id                  418D 
_struct.title                     "5'-R(*GP*UP*GP*CP*AP*CP*A)-D(P*C)-3'" 
_struct.pdbx_model_details        ? 
_struct.pdbx_CASP_flag            ? 
_struct.pdbx_model_type_details   ? 
# 
_struct_keywords.entry_id        418D 
_struct_keywords.pdbx_keywords   'DNA-RNA HYBRID' 
_struct_keywords.text            'HIGHLY BENT RNA, SUPERHELICES, DNA-RNA COMPLEX, DNA-RNA HYBRID' 
# 
loop_
_struct_asym.id 
_struct_asym.pdbx_blank_PDB_chainid_flag 
_struct_asym.pdbx_modified 
_struct_asym.entity_id 
_struct_asym.details 
A N N 1 ? 
B N N 1 ? 
C N N 2 ? 
D N N 2 ? 
# 
_struct_ref.id                         1 
_struct_ref.entity_id                  1 
_struct_ref.db_name                    PDB 
_struct_ref.db_code                    418D 
_struct_ref.pdbx_db_accession          418D 
_struct_ref.pdbx_align_begin           ? 
_struct_ref.pdbx_seq_one_letter_code   ? 
_struct_ref.pdbx_db_isoform            ? 
# 
loop_
_struct_ref_seq.align_id 
_struct_ref_seq.ref_id 
_struct_ref_seq.pdbx_PDB_id_code 
_struct_ref_seq.pdbx_strand_id 
_struct_ref_seq.seq_align_beg 
_struct_ref_seq.pdbx_seq_align_beg_ins_code 
_struct_ref_seq.seq_align_end 
_struct_ref_seq.pdbx_seq_align_end_ins_code 
_struct_ref_seq.pdbx_db_accession 
_struct_ref_seq.db_align_beg 
_struct_ref_seq.pdbx_db_align_beg_ins_code 
_struct_ref_seq.db_align_end 
_struct_ref_seq.pdbx_db_align_end_ins_code 
_struct_ref_seq.pdbx_auth_seq_align_beg 
_struct_ref_seq.pdbx_auth_seq_align_end 
1 1 418D A 1 ? 8 ? 418D 1 ? 8  ? 1 8  
2 1 418D B 1 ? 8 ? 418D 9 ? 16 ? 9 16 
# 
_pdbx_struct_assembly.id                   1 
_pdbx_struct_assembly.details              author_defined_assembly 
_pdbx_struct_assembly.method_details       ? 
_pdbx_struct_assembly.oligomeric_details   dimeric 
_pdbx_struct_assembly.oligomeric_count     2 
# 
_pdbx_struct_assembly_gen.assembly_id       1 
_pdbx_struct_assembly_gen.oper_expression   1 
_pdbx_struct_assembly_gen.asym_id_list      A,B,C,D 
# 
_pdbx_struct_oper_list.id                   1 
_pdbx_struct_oper_list.type                 'identity operation' 
_pdbx_struct_oper_list.name                 1_555 
_pdbx_struct_oper_list.symmetry_operation   x,y,z 
_pdbx_struct_oper_list.matrix[1][1]         1.0000000000 
_pdbx_struct_oper_list.matrix[1][2]         0.0000000000 
_pdbx_struct_oper_list.matrix[1][3]         0.0000000000 
_pdbx_struct_oper_list.vector[1]            0.0000000000 
_pdbx_struct_oper_list.matrix[2][1]         0.0000000000 
_pdbx_struct_oper_list.matrix[2][2]         1.0000000000 
_pdbx_struct_oper_list.matrix[2][3]         0.0000000000 
_pdbx_struct_oper_list.vector[2]            0.0000000000 
_pdbx_struct_oper_list.matrix[3][1]         0.0000000000 
_pdbx_struct_oper_list.matrix[3][2]         0.0000000000 
_pdbx_struct_oper_list.matrix[3][3]         1.0000000000 
_pdbx_struct_oper_list.vector[3]            0.0000000000 
# 
_struct_biol.id                    1 
_struct_biol.pdbx_parent_biol_id   ? 
_struct_biol.details               ? 
# 
loop_
_struct_conn.id 
_struct_conn.conn_type_id 
_struct_conn.pdbx_leaving_atom_flag 
_struct_conn.pdbx_PDB_id 
_struct_conn.ptnr1_label_asym_id 
_struct_conn.ptnr1_label_comp_id 
_struct_conn.ptnr1_label_seq_id 
_struct_conn.ptnr1_label_atom_id 
_struct_conn.pdbx_ptnr1_label_alt_id 
_struct_conn.pdbx_ptnr1_PDB_ins_code 
_struct_conn.pdbx_ptnr1_standard_comp_id 
_struct_conn.ptnr1_symmetry 
_struct_conn.ptnr2_label_asym_id 
_struct_conn.ptnr2_label_comp_id 
_struct_conn.ptnr2_label_seq_id 
_struct_conn.ptnr2_label_atom_id 
_struct_conn.pdbx_ptnr2_label_alt_id 
_struct_conn.pdbx_ptnr2_PDB_ins_code 
_struct_conn.ptnr1_auth_asym_id 
_struct_conn.ptnr1_auth_comp_id 
_struct_conn.ptnr1_auth_seq_id 
_struct_conn.ptnr2_auth_asym_id 
_struct_conn.ptnr2_auth_comp_id 
_struct_conn.ptnr2_auth_seq_id 
_struct_conn.ptnr2_symmetry 
_struct_conn.pdbx_ptnr3_label_atom_id 
_struct_conn.pdbx_ptnr3_label_seq_id 
_struct_conn.pdbx_ptnr3_label_comp_id 
_struct_conn.pdbx_ptnr3_label_asym_id 
_struct_conn.pdbx_ptnr3_label_alt_id 
_struct_conn.pdbx_ptnr3_PDB_ins_code 
_struct_conn.details 
_struct_conn.pdbx_dist_value 
_struct_conn.pdbx_value_order 
_struct_conn.pdbx_role 
hydrog1  hydrog ? ? A G 1 N1 ? ? ? 1_555 B C 6 N3 ? ? A G 1 B C 14 1_555 ? ? ? ? ? ? WATSON-CRICK ? ? ? 
hydrog2  hydrog ? ? A G 1 N2 ? ? ? 1_555 B C 6 O2 ? ? A G 1 B C 14 1_555 ? ? ? ? ? ? WATSON-CRICK ? ? ? 
hydrog3  hydrog ? ? A G 1 O6 ? ? ? 1_555 B C 6 N4 ? ? A G 1 B C 14 1_555 ? ? ? ? ? ? WATSON-CRICK ? ? ? 
hydrog4  hydrog ? ? A U 2 N3 ? ? ? 1_555 B A 5 N1 ? ? A U 2 B A 13 1_555 ? ? ? ? ? ? WATSON-CRICK ? ? ? 
hydrog5  hydrog ? ? A U 2 O4 ? ? ? 1_555 B A 5 N6 ? ? A U 2 B A 13 1_555 ? ? ? ? ? ? WATSON-CRICK ? ? ? 
hydrog6  hydrog ? ? A G 3 N1 ? ? ? 1_555 B C 4 N3 ? ? A G 3 B C 12 1_555 ? ? ? ? ? ? WATSON-CRICK ? ? ? 
hydrog7  hydrog ? ? A G 3 N2 ? ? ? 1_555 B C 4 O2 ? ? A G 3 B C 12 1_555 ? ? ? ? ? ? WATSON-CRICK ? ? ? 
hydrog8  hydrog ? ? A G 3 O6 ? ? ? 1_555 B C 4 N4 ? ? A G 3 B C 12 1_555 ? ? ? ? ? ? WATSON-CRICK ? ? ? 
hydrog9  hydrog ? ? A C 4 N3 ? ? ? 1_555 B G 3 N1 ? ? A C 4 B G 11 1_555 ? ? ? ? ? ? WATSON-CRICK ? ? ? 
hydrog10 hydrog ? ? A C 4 N4 ? ? ? 1_555 B G 3 O6 ? ? A C 4 B G 11 1_555 ? ? ? ? ? ? WATSON-CRICK ? ? ? 
hydrog11 hydrog ? ? A C 4 O2 ? ? ? 1_555 B G 3 N2 ? ? A C 4 B G 11 1_555 ? ? ? ? ? ? WATSON-CRICK ? ? ? 
hydrog12 hydrog ? ? A A 5 N1 ? ? ? 1_555 B U 2 N3 ? ? A A 5 B U 10 1_555 ? ? ? ? ? ? WATSON-CRICK ? ? ? 
hydrog13 hydrog ? ? A A 5 N6 ? ? ? 1_555 B U 2 O4 ? ? A A 5 B U 10 1_555 ? ? ? ? ? ? WATSON-CRICK ? ? ? 
hydrog14 hydrog ? ? A C 6 N3 ? ? ? 1_555 B G 1 N1 ? ? A C 6 B G 9  1_555 ? ? ? ? ? ? WATSON-CRICK ? ? ? 
hydrog15 hydrog ? ? A C 6 N4 ? ? ? 1_555 B G 1 O6 ? ? A C 6 B G 9  1_555 ? ? ? ? ? ? WATSON-CRICK ? ? ? 
hydrog16 hydrog ? ? A C 6 O2 ? ? ? 1_555 B G 1 N2 ? ? A C 6 B G 9  1_555 ? ? ? ? ? ? WATSON-CRICK ? ? ? 
# 
_struct_conn_type.id          hydrog 
_struct_conn_type.criteria    ? 
_struct_conn_type.reference   ? 
# 
_pdbx_validate_rmsd_angle.id                         1 
_pdbx_validate_rmsd_angle.PDB_model_num              1 
_pdbx_validate_rmsd_angle.auth_atom_id_1             "O4'" 
_pdbx_validate_rmsd_angle.auth_asym_id_1             A 
_pdbx_validate_rmsd_angle.auth_comp_id_1             A 
_pdbx_validate_rmsd_angle.auth_seq_id_1              5 
_pdbx_validate_rmsd_angle.PDB_ins_code_1             ? 
_pdbx_validate_rmsd_angle.label_alt_id_1             ? 
_pdbx_validate_rmsd_angle.auth_atom_id_2             "C1'" 
_pdbx_validate_rmsd_angle.auth_asym_id_2             A 
_pdbx_validate_rmsd_angle.auth_comp_id_2             A 
_pdbx_validate_rmsd_angle.auth_seq_id_2              5 
_pdbx_validate_rmsd_angle.PDB_ins_code_2             ? 
_pdbx_validate_rmsd_angle.label_alt_id_2             ? 
_pdbx_validate_rmsd_angle.auth_atom_id_3             N9 
_pdbx_validate_rmsd_angle.auth_asym_id_3             A 
_pdbx_validate_rmsd_angle.auth_comp_id_3             A 
_pdbx_validate_rmsd_angle.auth_seq_id_3              5 
_pdbx_validate_rmsd_angle.PDB_ins_code_3             ? 
_pdbx_validate_rmsd_angle.label_alt_id_3             ? 
_pdbx_validate_rmsd_angle.angle_value                113.05 
_pdbx_validate_rmsd_angle.angle_target_value         108.50 
_pdbx_validate_rmsd_angle.angle_deviation            4.55 
_pdbx_validate_rmsd_angle.angle_standard_deviation   0.70 
_pdbx_validate_rmsd_angle.linker_flag                N 
# 
loop_
_chem_comp_atom.comp_id 
_chem_comp_atom.atom_id 
_chem_comp_atom.type_symbol 
_chem_comp_atom.pdbx_aromatic_flag 
_chem_comp_atom.pdbx_stereo_config 
_chem_comp_atom.pdbx_ordinal 
A   OP3    O N N 1   
A   P      P N N 2   
A   OP1    O N N 3   
A   OP2    O N N 4   
A   "O5'"  O N N 5   
A   "C5'"  C N N 6   
A   "C4'"  C N R 7   
A   "O4'"  O N N 8   
A   "C3'"  C N S 9   
A   "O3'"  O N N 10  
A   "C2'"  C N R 11  
A   "O2'"  O N N 12  
A   "C1'"  C N R 13  
A   N9     N Y N 14  
A   C8     C Y N 15  
A   N7     N Y N 16  
A   C5     C Y N 17  
A   C6     C Y N 18  
A   N6     N N N 19  
A   N1     N Y N 20  
A   C2     C Y N 21  
A   N3     N Y N 22  
A   C4     C Y N 23  
A   HOP3   H N N 24  
A   HOP2   H N N 25  
A   "H5'"  H N N 26  
A   "H5''" H N N 27  
A   "H4'"  H N N 28  
A   "H3'"  H N N 29  
A   "HO3'" H N N 30  
A   "H2'"  H N N 31  
A   "HO2'" H N N 32  
A   "H1'"  H N N 33  
A   H8     H N N 34  
A   H61    H N N 35  
A   H62    H N N 36  
A   H2     H N N 37  
C   OP3    O N N 38  
C   P      P N N 39  
C   OP1    O N N 40  
C   OP2    O N N 41  
C   "O5'"  O N N 42  
C   "C5'"  C N N 43  
C   "C4'"  C N R 44  
C   "O4'"  O N N 45  
C   "C3'"  C N S 46  
C   "O3'"  O N N 47  
C   "C2'"  C N R 48  
C   "O2'"  O N N 49  
C   "C1'"  C N R 50  
C   N1     N N N 51  
C   C2     C N N 52  
C   O2     O N N 53  
C   N3     N N N 54  
C   C4     C N N 55  
C   N4     N N N 56  
C   C5     C N N 57  
C   C6     C N N 58  
C   HOP3   H N N 59  
C   HOP2   H N N 60  
C   "H5'"  H N N 61  
C   "H5''" H N N 62  
C   "H4'"  H N N 63  
C   "H3'"  H N N 64  
C   "HO3'" H N N 65  
C   "H2'"  H N N 66  
C   "HO2'" H N N 67  
C   "H1'"  H N N 68  
C   H41    H N N 69  
C   H42    H N N 70  
C   H5     H N N 71  
C   H6     H N N 72  
DC  OP3    O N N 73  
DC  P      P N N 74  
DC  OP1    O N N 75  
DC  OP2    O N N 76  
DC  "O5'"  O N N 77  
DC  "C5'"  C N N 78  
DC  "C4'"  C N R 79  
DC  "O4'"  O N N 80  
DC  "C3'"  C N S 81  
DC  "O3'"  O N N 82  
DC  "C2'"  C N N 83  
DC  "C1'"  C N R 84  
DC  N1     N N N 85  
DC  C2     C N N 86  
DC  O2     O N N 87  
DC  N3     N N N 88  
DC  C4     C N N 89  
DC  N4     N N N 90  
DC  C5     C N N 91  
DC  C6     C N N 92  
DC  HOP3   H N N 93  
DC  HOP2   H N N 94  
DC  "H5'"  H N N 95  
DC  "H5''" H N N 96  
DC  "H4'"  H N N 97  
DC  "H3'"  H N N 98  
DC  "HO3'" H N N 99  
DC  "H2'"  H N N 100 
DC  "H2''" H N N 101 
DC  "H1'"  H N N 102 
DC  H41    H N N 103 
DC  H42    H N N 104 
DC  H5     H N N 105 
DC  H6     H N N 106 
G   OP3    O N N 107 
G   P      P N N 108 
G   OP1    O N N 109 
G   OP2    O N N 110 
G   "O5'"  O N N 111 
G   "C5'"  C N N 112 
G   "C4'"  C N R 113 
G   "O4'"  O N N 114 
G   "C3'"  C N S 115 
G   "O3'"  O N N 116 
G   "C2'"  C N R 117 
G   "O2'"  O N N 118 
G   "C1'"  C N R 119 
G   N9     N Y N 120 
G   C8     C Y N 121 
G   N7     N Y N 122 
G   C5     C Y N 123 
G   C6     C N N 124 
G   O6     O N N 125 
G   N1     N N N 126 
G   C2     C N N 127 
G   N2     N N N 128 
G   N3     N N N 129 
G   C4     C Y N 130 
G   HOP3   H N N 131 
G   HOP2   H N N 132 
G   "H5'"  H N N 133 
G   "H5''" H N N 134 
G   "H4'"  H N N 135 
G   "H3'"  H N N 136 
G   "HO3'" H N N 137 
G   "H2'"  H N N 138 
G   "HO2'" H N N 139 
G   "H1'"  H N N 140 
G   H8     H N N 141 
G   H1     H N N 142 
G   H21    H N N 143 
G   H22    H N N 144 
HOH O      O N N 145 
HOH H1     H N N 146 
HOH H2     H N N 147 
U   OP3    O N N 148 
U   P      P N N 149 
U   OP1    O N N 150 
U   OP2    O N N 151 
U   "O5'"  O N N 152 
U   "C5'"  C N N 153 
U   "C4'"  C N R 154 
U   "O4'"  O N N 155 
U   "C3'"  C N S 156 
U   "O3'"  O N N 157 
U   "C2'"  C N R 158 
U   "O2'"  O N N 159 
U   "C1'"  C N R 160 
U   N1     N N N 161 
U   C2     C N N 162 
U   O2     O N N 163 
U   N3     N N N 164 
U   C4     C N N 165 
U   O4     O N N 166 
U   C5     C N N 167 
U   C6     C N N 168 
U   HOP3   H N N 169 
U   HOP2   H N N 170 
U   "H5'"  H N N 171 
U   "H5''" H N N 172 
U   "H4'"  H N N 173 
U   "H3'"  H N N 174 
U   "HO3'" H N N 175 
U   "H2'"  H N N 176 
U   "HO2'" H N N 177 
U   "H1'"  H N N 178 
U   H3     H N N 179 
U   H5     H N N 180 
U   H6     H N N 181 
# 
loop_
_chem_comp_bond.comp_id 
_chem_comp_bond.atom_id_1 
_chem_comp_bond.atom_id_2 
_chem_comp_bond.value_order 
_chem_comp_bond.pdbx_aromatic_flag 
_chem_comp_bond.pdbx_stereo_config 
_chem_comp_bond.pdbx_ordinal 
A   OP3   P      sing N N 1   
A   OP3   HOP3   sing N N 2   
A   P     OP1    doub N N 3   
A   P     OP2    sing N N 4   
A   P     "O5'"  sing N N 5   
A   OP2   HOP2   sing N N 6   
A   "O5'" "C5'"  sing N N 7   
A   "C5'" "C4'"  sing N N 8   
A   "C5'" "H5'"  sing N N 9   
A   "C5'" "H5''" sing N N 10  
A   "C4'" "O4'"  sing N N 11  
A   "C4'" "C3'"  sing N N 12  
A   "C4'" "H4'"  sing N N 13  
A   "O4'" "C1'"  sing N N 14  
A   "C3'" "O3'"  sing N N 15  
A   "C3'" "C2'"  sing N N 16  
A   "C3'" "H3'"  sing N N 17  
A   "O3'" "HO3'" sing N N 18  
A   "C2'" "O2'"  sing N N 19  
A   "C2'" "C1'"  sing N N 20  
A   "C2'" "H2'"  sing N N 21  
A   "O2'" "HO2'" sing N N 22  
A   "C1'" N9     sing N N 23  
A   "C1'" "H1'"  sing N N 24  
A   N9    C8     sing Y N 25  
A   N9    C4     sing Y N 26  
A   C8    N7     doub Y N 27  
A   C8    H8     sing N N 28  
A   N7    C5     sing Y N 29  
A   C5    C6     sing Y N 30  
A   C5    C4     doub Y N 31  
A   C6    N6     sing N N 32  
A   C6    N1     doub Y N 33  
A   N6    H61    sing N N 34  
A   N6    H62    sing N N 35  
A   N1    C2     sing Y N 36  
A   C2    N3     doub Y N 37  
A   C2    H2     sing N N 38  
A   N3    C4     sing Y N 39  
C   OP3   P      sing N N 40  
C   OP3   HOP3   sing N N 41  
C   P     OP1    doub N N 42  
C   P     OP2    sing N N 43  
C   P     "O5'"  sing N N 44  
C   OP2   HOP2   sing N N 45  
C   "O5'" "C5'"  sing N N 46  
C   "C5'" "C4'"  sing N N 47  
C   "C5'" "H5'"  sing N N 48  
C   "C5'" "H5''" sing N N 49  
C   "C4'" "O4'"  sing N N 50  
C   "C4'" "C3'"  sing N N 51  
C   "C4'" "H4'"  sing N N 52  
C   "O4'" "C1'"  sing N N 53  
C   "C3'" "O3'"  sing N N 54  
C   "C3'" "C2'"  sing N N 55  
C   "C3'" "H3'"  sing N N 56  
C   "O3'" "HO3'" sing N N 57  
C   "C2'" "O2'"  sing N N 58  
C   "C2'" "C1'"  sing N N 59  
C   "C2'" "H2'"  sing N N 60  
C   "O2'" "HO2'" sing N N 61  
C   "C1'" N1     sing N N 62  
C   "C1'" "H1'"  sing N N 63  
C   N1    C2     sing N N 64  
C   N1    C6     sing N N 65  
C   C2    O2     doub N N 66  
C   C2    N3     sing N N 67  
C   N3    C4     doub N N 68  
C   C4    N4     sing N N 69  
C   C4    C5     sing N N 70  
C   N4    H41    sing N N 71  
C   N4    H42    sing N N 72  
C   C5    C6     doub N N 73  
C   C5    H5     sing N N 74  
C   C6    H6     sing N N 75  
DC  OP3   P      sing N N 76  
DC  OP3   HOP3   sing N N 77  
DC  P     OP1    doub N N 78  
DC  P     OP2    sing N N 79  
DC  P     "O5'"  sing N N 80  
DC  OP2   HOP2   sing N N 81  
DC  "O5'" "C5'"  sing N N 82  
DC  "C5'" "C4'"  sing N N 83  
DC  "C5'" "H5'"  sing N N 84  
DC  "C5'" "H5''" sing N N 85  
DC  "C4'" "O4'"  sing N N 86  
DC  "C4'" "C3'"  sing N N 87  
DC  "C4'" "H4'"  sing N N 88  
DC  "O4'" "C1'"  sing N N 89  
DC  "C3'" "O3'"  sing N N 90  
DC  "C3'" "C2'"  sing N N 91  
DC  "C3'" "H3'"  sing N N 92  
DC  "O3'" "HO3'" sing N N 93  
DC  "C2'" "C1'"  sing N N 94  
DC  "C2'" "H2'"  sing N N 95  
DC  "C2'" "H2''" sing N N 96  
DC  "C1'" N1     sing N N 97  
DC  "C1'" "H1'"  sing N N 98  
DC  N1    C2     sing N N 99  
DC  N1    C6     sing N N 100 
DC  C2    O2     doub N N 101 
DC  C2    N3     sing N N 102 
DC  N3    C4     doub N N 103 
DC  C4    N4     sing N N 104 
DC  C4    C5     sing N N 105 
DC  N4    H41    sing N N 106 
DC  N4    H42    sing N N 107 
DC  C5    C6     doub N N 108 
DC  C5    H5     sing N N 109 
DC  C6    H6     sing N N 110 
G   OP3   P      sing N N 111 
G   OP3   HOP3   sing N N 112 
G   P     OP1    doub N N 113 
G   P     OP2    sing N N 114 
G   P     "O5'"  sing N N 115 
G   OP2   HOP2   sing N N 116 
G   "O5'" "C5'"  sing N N 117 
G   "C5'" "C4'"  sing N N 118 
G   "C5'" "H5'"  sing N N 119 
G   "C5'" "H5''" sing N N 120 
G   "C4'" "O4'"  sing N N 121 
G   "C4'" "C3'"  sing N N 122 
G   "C4'" "H4'"  sing N N 123 
G   "O4'" "C1'"  sing N N 124 
G   "C3'" "O3'"  sing N N 125 
G   "C3'" "C2'"  sing N N 126 
G   "C3'" "H3'"  sing N N 127 
G   "O3'" "HO3'" sing N N 128 
G   "C2'" "O2'"  sing N N 129 
G   "C2'" "C1'"  sing N N 130 
G   "C2'" "H2'"  sing N N 131 
G   "O2'" "HO2'" sing N N 132 
G   "C1'" N9     sing N N 133 
G   "C1'" "H1'"  sing N N 134 
G   N9    C8     sing Y N 135 
G   N9    C4     sing Y N 136 
G   C8    N7     doub Y N 137 
G   C8    H8     sing N N 138 
G   N7    C5     sing Y N 139 
G   C5    C6     sing N N 140 
G   C5    C4     doub Y N 141 
G   C6    O6     doub N N 142 
G   C6    N1     sing N N 143 
G   N1    C2     sing N N 144 
G   N1    H1     sing N N 145 
G   C2    N2     sing N N 146 
G   C2    N3     doub N N 147 
G   N2    H21    sing N N 148 
G   N2    H22    sing N N 149 
G   N3    C4     sing N N 150 
HOH O     H1     sing N N 151 
HOH O     H2     sing N N 152 
U   OP3   P      sing N N 153 
U   OP3   HOP3   sing N N 154 
U   P     OP1    doub N N 155 
U   P     OP2    sing N N 156 
U   P     "O5'"  sing N N 157 
U   OP2   HOP2   sing N N 158 
U   "O5'" "C5'"  sing N N 159 
U   "C5'" "C4'"  sing N N 160 
U   "C5'" "H5'"  sing N N 161 
U   "C5'" "H5''" sing N N 162 
U   "C4'" "O4'"  sing N N 163 
U   "C4'" "C3'"  sing N N 164 
U   "C4'" "H4'"  sing N N 165 
U   "O4'" "C1'"  sing N N 166 
U   "C3'" "O3'"  sing N N 167 
U   "C3'" "C2'"  sing N N 168 
U   "C3'" "H3'"  sing N N 169 
U   "O3'" "HO3'" sing N N 170 
U   "C2'" "O2'"  sing N N 171 
U   "C2'" "C1'"  sing N N 172 
U   "C2'" "H2'"  sing N N 173 
U   "O2'" "HO2'" sing N N 174 
U   "C1'" N1     sing N N 175 
U   "C1'" "H1'"  sing N N 176 
U   N1    C2     sing N N 177 
U   N1    C6     sing N N 178 
U   C2    O2     doub N N 179 
U   C2    N3     sing N N 180 
U   N3    C4     sing N N 181 
U   N3    H3     sing N N 182 
U   C4    O4     doub N N 183 
U   C4    C5     sing N N 184 
U   C5    C6     doub N N 185 
U   C5    H5     sing N N 186 
U   C6    H6     sing N N 187 
# 
_ndb_struct_conf_na.entry_id   418D 
_ndb_struct_conf_na.feature    'a-form double helix' 
# 
loop_
_ndb_struct_na_base_pair.model_number 
_ndb_struct_na_base_pair.i_label_asym_id 
_ndb_struct_na_base_pair.i_label_comp_id 
_ndb_struct_na_base_pair.i_label_seq_id 
_ndb_struct_na_base_pair.i_symmetry 
_ndb_struct_na_base_pair.j_label_asym_id 
_ndb_struct_na_base_pair.j_label_comp_id 
_ndb_struct_na_base_pair.j_label_seq_id 
_ndb_struct_na_base_pair.j_symmetry 
_ndb_struct_na_base_pair.shear 
_ndb_struct_na_base_pair.stretch 
_ndb_struct_na_base_pair.stagger 
_ndb_struct_na_base_pair.buckle 
_ndb_struct_na_base_pair.propeller 
_ndb_struct_na_base_pair.opening 
_ndb_struct_na_base_pair.pair_number 
_ndb_struct_na_base_pair.pair_name 
_ndb_struct_na_base_pair.i_auth_asym_id 
_ndb_struct_na_base_pair.i_auth_seq_id 
_ndb_struct_na_base_pair.i_PDB_ins_code 
_ndb_struct_na_base_pair.j_auth_asym_id 
_ndb_struct_na_base_pair.j_auth_seq_id 
_ndb_struct_na_base_pair.j_PDB_ins_code 
_ndb_struct_na_base_pair.hbond_type_28 
_ndb_struct_na_base_pair.hbond_type_12 
1 A G 1 1_555 B C 6 1_555 -0.821 0.033  0.195 -2.922  -16.203 -6.237 1 A_G1:C14_B A 1 ? B 14 ? 19 1 
1 A U 2 1_555 B A 5 1_555 0.284  -0.118 0.783 -0.520  -8.840  5.344  2 A_U2:A13_B A 2 ? B 13 ? 20 1 
1 A G 3 1_555 B C 4 1_555 0.133  -0.142 0.365 2.031   -7.341  9.195  3 A_G3:C12_B A 3 ? B 12 ? 19 1 
1 A C 4 1_555 B G 3 1_555 0.312  0.038  0.242 3.605   -21.636 2.845  4 A_C4:G11_B A 4 ? B 11 ? 19 1 
1 A A 5 1_555 B U 2 1_555 -0.277 0.117  0.147 -15.894 -17.572 7.787  5 A_A5:U10_B A 5 ? B 10 ? 20 1 
1 A C 6 1_555 B G 1 1_555 -0.324 0.026  1.058 -13.213 -15.974 6.761  6 A_C6:G9_B  A 6 ? B 9  ? 19 1 
# 
loop_
_ndb_struct_na_base_pair_step.model_number 
_ndb_struct_na_base_pair_step.i_label_asym_id_1 
_ndb_struct_na_base_pair_step.i_label_comp_id_1 
_ndb_struct_na_base_pair_step.i_label_seq_id_1 
_ndb_struct_na_base_pair_step.i_symmetry_1 
_ndb_struct_na_base_pair_step.j_label_asym_id_1 
_ndb_struct_na_base_pair_step.j_label_comp_id_1 
_ndb_struct_na_base_pair_step.j_label_seq_id_1 
_ndb_struct_na_base_pair_step.j_symmetry_1 
_ndb_struct_na_base_pair_step.i_label_asym_id_2 
_ndb_struct_na_base_pair_step.i_label_comp_id_2 
_ndb_struct_na_base_pair_step.i_label_seq_id_2 
_ndb_struct_na_base_pair_step.i_symmetry_2 
_ndb_struct_na_base_pair_step.j_label_asym_id_2 
_ndb_struct_na_base_pair_step.j_label_comp_id_2 
_ndb_struct_na_base_pair_step.j_label_seq_id_2 
_ndb_struct_na_base_pair_step.j_symmetry_2 
_ndb_struct_na_base_pair_step.shift 
_ndb_struct_na_base_pair_step.slide 
_ndb_struct_na_base_pair_step.rise 
_ndb_struct_na_base_pair_step.tilt 
_ndb_struct_na_base_pair_step.roll 
_ndb_struct_na_base_pair_step.twist 
_ndb_struct_na_base_pair_step.x_displacement 
_ndb_struct_na_base_pair_step.y_displacement 
_ndb_struct_na_base_pair_step.helical_rise 
_ndb_struct_na_base_pair_step.inclination 
_ndb_struct_na_base_pair_step.tip 
_ndb_struct_na_base_pair_step.helical_twist 
_ndb_struct_na_base_pair_step.step_number 
_ndb_struct_na_base_pair_step.step_name 
_ndb_struct_na_base_pair_step.i_auth_asym_id_1 
_ndb_struct_na_base_pair_step.i_auth_seq_id_1 
_ndb_struct_na_base_pair_step.i_PDB_ins_code_1 
_ndb_struct_na_base_pair_step.j_auth_asym_id_1 
_ndb_struct_na_base_pair_step.j_auth_seq_id_1 
_ndb_struct_na_base_pair_step.j_PDB_ins_code_1 
_ndb_struct_na_base_pair_step.i_auth_asym_id_2 
_ndb_struct_na_base_pair_step.i_auth_seq_id_2 
_ndb_struct_na_base_pair_step.i_PDB_ins_code_2 
_ndb_struct_na_base_pair_step.j_auth_asym_id_2 
_ndb_struct_na_base_pair_step.j_auth_seq_id_2 
_ndb_struct_na_base_pair_step.j_PDB_ins_code_2 
1 A G 1 1_555 B C 6 1_555 A U 2 1_555 B A 5 1_555 -0.570 -1.539 3.096 -5.095 -1.714 38.160 -2.127 0.253  3.207 -2.606 7.746  
38.523 1 AA_G1U2:A13C14_BB A 1 ? B 14 ? A 2 ? B 13 ? 
1 A U 2 1_555 B A 5 1_555 A G 3 1_555 B C 4 1_555 -0.358 -1.311 2.831 0.859  10.719 33.299 -3.487 0.700  2.303 18.127 -1.453 
34.945 2 AA_U2G3:C12A13_BB A 2 ? B 13 ? A 3 ? B 12 ? 
1 A G 3 1_555 B C 4 1_555 A C 4 1_555 B G 3 1_555 -0.384 -1.181 3.322 5.019  11.221 32.074 -3.678 1.400  2.682 19.440 -8.695 
34.291 3 AA_G3C4:G11C12_BB A 3 ? B 12 ? A 4 ? B 11 ? 
1 A C 4 1_555 B G 3 1_555 A A 5 1_555 B U 2 1_555 0.994  -1.926 3.420 2.538  27.042 28.769 -5.564 -1.222 1.290 44.004 -4.130 
39.367 4 AA_C4A5:U10G11_BB A 4 ? B 11 ? A 5 ? B 10 ? 
1 A A 5 1_555 B U 2 1_555 A C 6 1_555 B G 1 1_555 0.717  -1.559 3.089 -1.055 -0.367 31.078 -2.841 -1.527 3.081 -0.685 1.969  
31.097 5 AA_A5C6:G9U10_BB  A 5 ? B 10 ? A 6 ? B 9  ? 
# 
_pdbx_initial_refinement_model.accession_code   246D 
_pdbx_initial_refinement_model.id               1 
_pdbx_initial_refinement_model.entity_id_list   ? 
_pdbx_initial_refinement_model.type             'experimental model' 
_pdbx_initial_refinement_model.source_name      PDB 
_pdbx_initial_refinement_model.details          'R(GUAUAUA)DC' 
# 
_atom_sites.entry_id                    418D 
_atom_sites.fract_transf_matrix[1][1]   -0.00427851 
_atom_sites.fract_transf_matrix[1][2]   -0.04024749 
_atom_sites.fract_transf_matrix[1][3]   -0.00753128 
_atom_sites.fract_transf_matrix[2][1]   0.00684099 
_atom_sites.fract_transf_matrix[2][2]   -0.00456544 
_atom_sites.fract_transf_matrix[2][3]   0.02051154 
_atom_sites.fract_transf_matrix[3][1]   -0.01282803 
_atom_sites.fract_transf_matrix[3][2]   0.00054058 
_atom_sites.fract_transf_matrix[3][3]   0.00439871 
_atom_sites.fract_transf_vector[1]      0.109042 
_atom_sites.fract_transf_vector[2]      0.046007 
_atom_sites.fract_transf_vector[3]      0.131402 
# 
loop_
_atom_type.symbol 
C 
N 
O 
P 
# 
loop_
_atom_site.group_PDB 
_atom_site.id 
_atom_site.type_symbol 
_atom_site.label_atom_id 
_atom_site.label_alt_id 
_atom_site.label_comp_id 
_atom_site.label_asym_id 
_atom_site.label_entity_id 
_atom_site.label_seq_id 
_atom_site.pdbx_PDB_ins_code 
_atom_site.Cartn_x 
_atom_site.Cartn_y 
_atom_site.Cartn_z 
_atom_site.occupancy 
_atom_site.B_iso_or_equiv 
_atom_site.pdbx_formal_charge 
_atom_site.auth_seq_id 
_atom_site.auth_comp_id 
_atom_site.auth_asym_id 
_atom_site.auth_atom_id 
_atom_site.pdbx_PDB_model_num 
ATOM   1   O "O5'" . G   A 1 1 ? 6.632   -3.011  7.628   1.00 50.36 ? 1   G   A "O5'" 1 
ATOM   2   C "C5'" . G   A 1 1 ? 5.929   -4.264  7.609   1.00 55.25 ? 1   G   A "C5'" 1 
ATOM   3   C "C4'" . G   A 1 1 ? 4.745   -4.208  8.544   1.00 48.84 ? 1   G   A "C4'" 1 
ATOM   4   O "O4'" . G   A 1 1 ? 4.719   -2.901  9.179   1.00 50.44 ? 1   G   A "O4'" 1 
ATOM   5   C "C3'" . G   A 1 1 ? 3.366   -4.386  7.913   1.00 50.89 ? 1   G   A "C3'" 1 
ATOM   6   O "O3'" . G   A 1 1 ? 3.005   -5.773  7.941   1.00 49.90 ? 1   G   A "O3'" 1 
ATOM   7   C "C2'" . G   A 1 1 ? 2.479   -3.613  8.881   1.00 49.18 ? 1   G   A "C2'" 1 
ATOM   8   O "O2'" . G   A 1 1 ? 2.260   -4.400  10.027  1.00 54.39 ? 1   G   A "O2'" 1 
ATOM   9   C "C1'" . G   A 1 1 ? 3.382   -2.437  9.265   1.00 45.81 ? 1   G   A "C1'" 1 
ATOM   10  N N9    . G   A 1 1 ? 3.268   -1.265  8.399   1.00 33.39 ? 1   G   A N9    1 
ATOM   11  C C8    . G   A 1 1 ? 4.281   -0.696  7.666   1.00 34.76 ? 1   G   A C8    1 
ATOM   12  N N7    . G   A 1 1 ? 3.898   0.340   6.969   1.00 34.18 ? 1   G   A N7    1 
ATOM   13  C C5    . G   A 1 1 ? 2.550   0.468   7.266   1.00 24.17 ? 1   G   A C5    1 
ATOM   14  C C6    . G   A 1 1 ? 1.600   1.415   6.808   1.00 23.57 ? 1   G   A C6    1 
ATOM   15  O O6    . G   A 1 1 ? 1.771   2.353   6.020   1.00 20.87 ? 1   G   A O6    1 
ATOM   16  N N1    . G   A 1 1 ? 0.340   1.187   7.361   1.00 14.81 ? 1   G   A N1    1 
ATOM   17  C C2    . G   A 1 1 ? 0.036   0.172   8.237   1.00 21.31 ? 1   G   A C2    1 
ATOM   18  N N2    . G   A 1 1 ? -1.231  0.126   8.653   1.00 17.68 ? 1   G   A N2    1 
ATOM   19  N N3    . G   A 1 1 ? 0.918   -0.728  8.669   1.00 17.99 ? 1   G   A N3    1 
ATOM   20  C C4    . G   A 1 1 ? 2.143   -0.520  8.150   1.00 25.22 ? 1   G   A C4    1 
ATOM   21  P P     . U   A 1 2 ? 1.770   -6.317  7.054   1.00 46.61 ? 2   U   A P     1 
ATOM   22  O OP1   . U   A 1 2 ? 1.481   -7.692  7.529   1.00 49.18 ? 2   U   A OP1   1 
ATOM   23  O OP2   . U   A 1 2 ? 2.098   -6.080  5.623   1.00 54.37 ? 2   U   A OP2   1 
ATOM   24  O "O5'" . U   A 1 2 ? 0.507   -5.421  7.436   1.00 47.87 ? 2   U   A "O5'" 1 
ATOM   25  C "C5'" . U   A 1 2 ? -0.602  -5.990  8.162   1.00 41.70 ? 2   U   A "C5'" 1 
ATOM   26  C "C4'" . U   A 1 2 ? -1.894  -5.265  7.835   1.00 39.33 ? 2   U   A "C4'" 1 
ATOM   27  O "O4'" . U   A 1 2 ? -1.696  -3.839  8.032   1.00 33.99 ? 2   U   A "O4'" 1 
ATOM   28  C "C3'" . U   A 1 2 ? -2.427  -5.380  6.411   1.00 40.96 ? 2   U   A "C3'" 1 
ATOM   29  O "O3'" . U   A 1 2 ? -3.244  -6.544  6.263   1.00 41.48 ? 2   U   A "O3'" 1 
ATOM   30  C "C2'" . U   A 1 2 ? -3.280  -4.122  6.286   1.00 38.56 ? 2   U   A "C2'" 1 
ATOM   31  O "O2'" . U   A 1 2 ? -4.548  -4.263  6.904   1.00 36.51 ? 2   U   A "O2'" 1 
ATOM   32  C "C1'" . U   A 1 2 ? -2.444  -3.112  7.075   1.00 28.06 ? 2   U   A "C1'" 1 
ATOM   33  N N1    . U   A 1 2 ? -1.500  -2.359  6.247   1.00 16.73 ? 2   U   A N1    1 
ATOM   34  C C2    . U   A 1 2 ? -1.985  -1.271  5.559   1.00 15.52 ? 2   U   A C2    1 
ATOM   35  O O2    . U   A 1 2 ? -3.154  -0.916  5.622   1.00 15.57 ? 2   U   A O2    1 
ATOM   36  N N3    . U   A 1 2 ? -1.056  -0.606  4.804   1.00 11.33 ? 2   U   A N3    1 
ATOM   37  C C4    . U   A 1 2 ? 0.280   -0.910  4.677   1.00 22.74 ? 2   U   A C4    1 
ATOM   38  O O4    . U   A 1 2 ? 1.001   -0.179  3.999   1.00 36.98 ? 2   U   A O4    1 
ATOM   39  C C5    . U   A 1 2 ? 0.706   -2.055  5.422   1.00 20.68 ? 2   U   A C5    1 
ATOM   40  C C6    . U   A 1 2 ? -0.181  -2.724  6.162   1.00 17.13 ? 2   U   A C6    1 
ATOM   41  P P     . G   A 1 3 ? -3.665  -7.043  4.793   1.00 38.09 ? 3   G   A P     1 
ATOM   42  O OP1   . G   A 1 3 ? -4.519  -8.247  4.935   1.00 36.14 ? 3   G   A OP1   1 
ATOM   43  O OP2   . G   A 1 3 ? -2.415  -7.123  3.994   1.00 38.84 ? 3   G   A OP2   1 
ATOM   44  O "O5'" . G   A 1 3 ? -4.551  -5.853  4.203   1.00 36.46 ? 3   G   A "O5'" 1 
ATOM   45  C "C5'" . G   A 1 3 ? -5.948  -5.731  4.535   1.00 39.98 ? 3   G   A "C5'" 1 
ATOM   46  C "C4'" . G   A 1 3 ? -6.614  -4.682  3.668   1.00 39.05 ? 3   G   A "C4'" 1 
ATOM   47  O "O4'" . G   A 1 3 ? -6.130  -3.353  4.019   1.00 37.30 ? 3   G   A "O4'" 1 
ATOM   48  C "C3'" . G   A 1 3 ? -6.365  -4.785  2.168   1.00 41.41 ? 3   G   A "C3'" 1 
ATOM   49  O "O3'" . G   A 1 3 ? -7.223  -5.737  1.534   1.00 41.55 ? 3   G   A "O3'" 1 
ATOM   50  C "C2'" . G   A 1 3 ? -6.679  -3.364  1.710   1.00 39.05 ? 3   G   A "C2'" 1 
ATOM   51  O "O2'" . G   A 1 3 ? -8.077  -3.140  1.633   1.00 30.08 ? 3   G   A "O2'" 1 
ATOM   52  C "C1'" . G   A 1 3 ? -6.064  -2.544  2.850   1.00 29.38 ? 3   G   A "C1'" 1 
ATOM   53  N N9    . G   A 1 3 ? -4.656  -2.238  2.614   1.00 19.62 ? 3   G   A N9    1 
ATOM   54  C C8    . G   A 1 3 ? -3.587  -2.973  3.062   1.00 22.51 ? 3   G   A C8    1 
ATOM   55  N N7    . G   A 1 3 ? -2.434  -2.468  2.719   1.00 24.81 ? 3   G   A N7    1 
ATOM   56  C C5    . G   A 1 3 ? -2.758  -1.327  1.998   1.00 17.57 ? 3   G   A C5    1 
ATOM   57  C C6    . G   A 1 3 ? -1.917  -0.366  1.385   1.00 18.30 ? 3   G   A C6    1 
ATOM   58  O O6    . G   A 1 3 ? -0.679  -0.327  1.365   1.00 9.80  ? 3   G   A O6    1 
ATOM   59  N N1    . G   A 1 3 ? -2.652  0.629   0.751   1.00 16.33 ? 3   G   A N1    1 
ATOM   60  C C2    . G   A 1 3 ? -4.022  0.691   0.712   1.00 13.68 ? 3   G   A C2    1 
ATOM   61  N N2    . G   A 1 3 ? -4.547  1.726   0.030   1.00 8.15  ? 3   G   A N2    1 
ATOM   62  N N3    . G   A 1 3 ? -4.822  -0.196  1.293   1.00 15.71 ? 3   G   A N3    1 
ATOM   63  C C4    . G   A 1 3 ? -4.127  -1.171  1.914   1.00 12.41 ? 3   G   A C4    1 
ATOM   64  P P     . C   A 1 4 ? -6.712  -6.526  0.224   1.00 34.15 ? 4   C   A P     1 
ATOM   65  O OP1   . C   A 1 4 ? -7.702  -7.584  -0.098  1.00 37.95 ? 4   C   A OP1   1 
ATOM   66  O OP2   . C   A 1 4 ? -5.286  -6.896  0.464   1.00 32.10 ? 4   C   A OP2   1 
ATOM   67  O "O5'" . C   A 1 4 ? -6.785  -5.445  -0.941  1.00 33.68 ? 4   C   A "O5'" 1 
ATOM   68  C "C5'" . C   A 1 4 ? -8.041  -5.134  -1.559  1.00 30.89 ? 4   C   A "C5'" 1 
ATOM   69  C "C4'" . C   A 1 4 ? -7.885  -3.984  -2.530  1.00 30.80 ? 4   C   A "C4'" 1 
ATOM   70  O "O4'" . C   A 1 4 ? -7.324  -2.838  -1.823  1.00 25.31 ? 4   C   A "O4'" 1 
ATOM   71  C "C3'" . C   A 1 4 ? -6.916  -4.172  -3.690  1.00 31.82 ? 4   C   A "C3'" 1 
ATOM   72  O "O3'" . C   A 1 4 ? -7.439  -4.946  -4.771  1.00 30.21 ? 4   C   A "O3'" 1 
ATOM   73  C "C2'" . C   A 1 4 ? -6.660  -2.728  -4.089  1.00 31.42 ? 4   C   A "C2'" 1 
ATOM   74  O "O2'" . C   A 1 4 ? -7.735  -2.168  -4.820  1.00 31.23 ? 4   C   A "O2'" 1 
ATOM   75  C "C1'" . C   A 1 4 ? -6.519  -2.074  -2.713  1.00 20.46 ? 4   C   A "C1'" 1 
ATOM   76  N N1    . C   A 1 4 ? -5.126  -2.204  -2.283  1.00 10.40 ? 4   C   A N1    1 
ATOM   77  C C2    . C   A 1 4 ? -4.221  -1.195  -2.607  1.00 12.95 ? 4   C   A C2    1 
ATOM   78  O O2    . C   A 1 4 ? -4.639  -0.167  -3.170  1.00 19.84 ? 4   C   A O2    1 
ATOM   79  N N3    . C   A 1 4 ? -2.921  -1.357  -2.298  1.00 13.70 ? 4   C   A N3    1 
ATOM   80  C C4    . C   A 1 4 ? -2.513  -2.467  -1.680  1.00 12.51 ? 4   C   A C4    1 
ATOM   81  N N4    . C   A 1 4 ? -1.207  -2.611  -1.447  1.00 15.64 ? 4   C   A N4    1 
ATOM   82  C C5    . C   A 1 4 ? -3.421  -3.483  -1.289  1.00 9.76  ? 4   C   A C5    1 
ATOM   83  C C6    . C   A 1 4 ? -4.708  -3.317  -1.610  1.00 16.64 ? 4   C   A C6    1 
ATOM   84  P P     . A   A 1 5 ? -6.446  -5.891  -5.621  1.00 29.89 ? 5   A   A P     1 
ATOM   85  O OP1   . A   A 1 5 ? -7.256  -6.545  -6.678  1.00 30.14 ? 5   A   A OP1   1 
ATOM   86  O OP2   . A   A 1 5 ? -5.665  -6.725  -4.667  1.00 22.55 ? 5   A   A OP2   1 
ATOM   87  O "O5'" . A   A 1 5 ? -5.443  -4.879  -6.339  1.00 24.04 ? 5   A   A "O5'" 1 
ATOM   88  C "C5'" . A   A 1 5 ? -5.916  -4.023  -7.399  1.00 22.49 ? 5   A   A "C5'" 1 
ATOM   89  C "C4'" . A   A 1 5 ? -4.817  -3.104  -7.892  1.00 20.71 ? 5   A   A "C4'" 1 
ATOM   90  O "O4'" . A   A 1 5 ? -4.341  -2.267  -6.801  1.00 23.48 ? 5   A   A "O4'" 1 
ATOM   91  C "C3'" . A   A 1 5 ? -3.532  -3.747  -8.368  1.00 21.82 ? 5   A   A "C3'" 1 
ATOM   92  O "O3'" . A   A 1 5 ? -3.634  -4.350  -9.640  1.00 21.23 ? 5   A   A "O3'" 1 
ATOM   93  C "C2'" . A   A 1 5 ? -2.594  -2.555  -8.358  1.00 24.12 ? 5   A   A "C2'" 1 
ATOM   94  O "O2'" . A   A 1 5 ? -2.890  -1.648  -9.398  1.00 23.15 ? 5   A   A "O2'" 1 
ATOM   95  C "C1'" . A   A 1 5 ? -2.977  -1.923  -7.025  1.00 23.09 ? 5   A   A "C1'" 1 
ATOM   96  N N9    . A   A 1 5 ? -2.086  -2.377  -5.953  1.00 20.37 ? 5   A   A N9    1 
ATOM   97  C C8    . A   A 1 5 ? -2.427  -3.270  -4.963  1.00 13.44 ? 5   A   A C8    1 
ATOM   98  N N7    . A   A 1 5 ? -1.458  -3.505  -4.105  1.00 14.15 ? 5   A   A N7    1 
ATOM   99  C C5    . A   A 1 5 ? -0.407  -2.715  -4.568  1.00 14.32 ? 5   A   A C5    1 
ATOM   100 C C6    . A   A 1 5 ? 0.902   -2.490  -4.090  1.00 12.04 ? 5   A   A C6    1 
ATOM   101 N N6    . A   A 1 5 ? 1.404   -3.032  -2.980  1.00 7.27  ? 5   A   A N6    1 
ATOM   102 N N1    . A   A 1 5 ? 1.692   -1.657  -4.800  1.00 16.45 ? 5   A   A N1    1 
ATOM   103 C C2    . A   A 1 5 ? 1.194   -1.077  -5.891  1.00 22.31 ? 5   A   A C2    1 
ATOM   104 N N3    . A   A 1 5 ? -0.015  -1.191  -6.427  1.00 23.13 ? 5   A   A N3    1 
ATOM   105 C C4    . A   A 1 5 ? -0.773  -2.032  -5.710  1.00 17.52 ? 5   A   A C4    1 
ATOM   106 P P     . C   A 1 6 ? -2.693  -5.604  -9.990  1.00 19.54 ? 6   C   A P     1 
ATOM   107 O OP1   . C   A 1 6 ? -3.209  -6.218  -11.235 1.00 21.04 ? 6   C   A OP1   1 
ATOM   108 O OP2   . C   A 1 6 ? -2.547  -6.434  -8.768  1.00 9.35  ? 6   C   A OP2   1 
ATOM   109 O "O5'" . C   A 1 6 ? -1.267  -4.943  -10.258 1.00 21.07 ? 6   C   A "O5'" 1 
ATOM   110 C "C5'" . C   A 1 6 ? -1.165  -3.654  -10.891 1.00 20.26 ? 6   C   A "C5'" 1 
ATOM   111 C "C4'" . C   A 1 6 ? 0.201   -3.046  -10.660 1.00 18.89 ? 6   C   A "C4'" 1 
ATOM   112 O "O4'" . C   A 1 6 ? 0.371   -2.758  -9.251  1.00 20.76 ? 6   C   A "O4'" 1 
ATOM   113 C "C3'" . C   A 1 6 ? 1.413   -3.902  -10.979 1.00 20.52 ? 6   C   A "C3'" 1 
ATOM   114 O "O3'" . C   A 1 6 ? 1.729   -3.898  -12.361 1.00 26.03 ? 6   C   A "O3'" 1 
ATOM   115 C "C2'" . C   A 1 6 ? 2.506   -3.187  -10.203 1.00 18.63 ? 6   C   A "C2'" 1 
ATOM   116 O "O2'" . C   A 1 6 ? 2.966   -2.050  -10.905 1.00 20.41 ? 6   C   A "O2'" 1 
ATOM   117 C "C1'" . C   A 1 6 ? 1.757   -2.763  -8.939  1.00 21.74 ? 6   C   A "C1'" 1 
ATOM   118 N N1    . C   A 1 6 ? 1.978   -3.644  -7.779  1.00 18.70 ? 6   C   A N1    1 
ATOM   119 C C2    . C   A 1 6 ? 3.183   -3.539  -7.086  1.00 18.62 ? 6   C   A C2    1 
ATOM   120 O O2    . C   A 1 6 ? 4.040   -2.750  -7.498  1.00 23.66 ? 6   C   A O2    1 
ATOM   121 N N3    . C   A 1 6 ? 3.387   -4.301  -5.995  1.00 15.51 ? 6   C   A N3    1 
ATOM   122 C C4    . C   A 1 6 ? 2.446   -5.156  -5.594  1.00 17.18 ? 6   C   A C4    1 
ATOM   123 N N4    . C   A 1 6 ? 2.687   -5.885  -4.497  1.00 23.61 ? 6   C   A N4    1 
ATOM   124 C C5    . C   A 1 6 ? 1.214   -5.303  -6.294  1.00 16.81 ? 6   C   A C5    1 
ATOM   125 C C6    . C   A 1 6 ? 1.024   -4.535  -7.372  1.00 16.81 ? 6   C   A C6    1 
ATOM   126 P P     . A   A 1 7 ? 2.675   -5.054  -12.958 1.00 22.23 ? 7   A   A P     1 
ATOM   127 O OP1   . A   A 1 7 ? 2.853   -4.766  -14.404 1.00 29.33 ? 7   A   A OP1   1 
ATOM   128 O OP2   . A   A 1 7 ? 2.120   -6.366  -12.528 1.00 26.10 ? 7   A   A OP2   1 
ATOM   129 O "O5'" . A   A 1 7 ? 4.078   -4.832  -12.229 1.00 28.19 ? 7   A   A "O5'" 1 
ATOM   130 C "C5'" . A   A 1 7 ? 4.874   -3.658  -12.510 1.00 27.52 ? 7   A   A "C5'" 1 
ATOM   131 C "C4'" . A   A 1 7 ? 6.193   -3.708  -11.769 1.00 28.69 ? 7   A   A "C4'" 1 
ATOM   132 O "O4'" . A   A 1 7 ? 5.965   -3.666  -10.343 1.00 28.29 ? 7   A   A "O4'" 1 
ATOM   133 C "C3'" . A   A 1 7 ? 7.059   -4.946  -11.972 1.00 31.47 ? 7   A   A "C3'" 1 
ATOM   134 O "O3'" . A   A 1 7 ? 7.887   -4.750  -13.123 1.00 39.29 ? 7   A   A "O3'" 1 
ATOM   135 C "C2'" . A   A 1 7 ? 7.951   -4.939  -10.735 1.00 34.26 ? 7   A   A "C2'" 1 
ATOM   136 O "O2'" . A   A 1 7 ? 9.119   -4.175  -10.942 1.00 38.91 ? 7   A   A "O2'" 1 
ATOM   137 C "C1'" . A   A 1 7 ? 7.073   -4.243  -9.688  1.00 33.46 ? 7   A   A "C1'" 1 
ATOM   138 N N9    . A   A 1 7 ? 6.592   -5.090  -8.597  1.00 33.27 ? 7   A   A N9    1 
ATOM   139 C C8    . A   A 1 7 ? 7.159   -5.228  -7.350  1.00 34.44 ? 7   A   A C8    1 
ATOM   140 N N7    . A   A 1 7 ? 6.533   -6.075  -6.572  1.00 26.81 ? 7   A   A N7    1 
ATOM   141 C C5    . A   A 1 7 ? 5.477   -6.522  -7.355  1.00 30.05 ? 7   A   A C5    1 
ATOM   142 C C6    . A   A 1 7 ? 4.450   -7.439  -7.111  1.00 36.06 ? 7   A   A C6    1 
ATOM   143 N N6    . A   A 1 7 ? 4.316   -8.113  -5.966  1.00 36.19 ? 7   A   A N6    1 
ATOM   144 N N1    . A   A 1 7 ? 3.553   -7.656  -8.099  1.00 35.77 ? 7   A   A N1    1 
ATOM   145 C C2    . A   A 1 7 ? 3.700   -6.995  -9.255  1.00 34.90 ? 7   A   A C2    1 
ATOM   146 N N3    . A   A 1 7 ? 4.634   -6.115  -9.609  1.00 30.20 ? 7   A   A N3    1 
ATOM   147 C C4    . A   A 1 7 ? 5.500   -5.920  -8.603  1.00 26.80 ? 7   A   A C4    1 
ATOM   148 P P     . DC  A 1 8 ? 8.171   -5.962  -14.140 1.00 39.07 ? 8   DC  A P     1 
ATOM   149 O OP1   . DC  A 1 8 ? 7.677   -5.555  -15.480 1.00 43.73 ? 8   DC  A OP1   1 
ATOM   150 O OP2   . DC  A 1 8 ? 7.660   -7.204  -13.513 1.00 40.01 ? 8   DC  A OP2   1 
ATOM   151 O "O5'" . DC  A 1 8 ? 9.759   -6.037  -14.211 1.00 33.63 ? 8   DC  A "O5'" 1 
ATOM   152 C "C5'" . DC  A 1 8 ? 10.548  -6.082  -13.002 1.00 29.92 ? 8   DC  A "C5'" 1 
ATOM   153 C "C4'" . DC  A 1 8 ? 12.008  -6.061  -13.393 1.00 29.23 ? 8   DC  A "C4'" 1 
ATOM   154 O "O4'" . DC  A 1 8 ? 12.243  -7.146  -14.325 1.00 26.96 ? 8   DC  A "O4'" 1 
ATOM   155 C "C3'" . DC  A 1 8 ? 12.471  -4.796  -14.116 1.00 30.66 ? 8   DC  A "C3'" 1 
ATOM   156 O "O3'" . DC  A 1 8 ? 13.898  -4.644  -14.063 1.00 34.22 ? 8   DC  A "O3'" 1 
ATOM   157 C "C2'" . DC  A 1 8 ? 12.266  -5.161  -15.573 1.00 36.34 ? 8   DC  A "C2'" 1 
ATOM   158 C "C1'" . DC  A 1 8 ? 12.697  -6.618  -15.560 1.00 29.41 ? 8   DC  A "C1'" 1 
ATOM   159 N N1    . DC  A 1 8 ? 12.111  -7.416  -16.643 1.00 30.52 ? 8   DC  A N1    1 
ATOM   160 C C2    . DC  A 1 8 ? 12.966  -7.977  -17.595 1.00 28.80 ? 8   DC  A C2    1 
ATOM   161 O O2    . DC  A 1 8 ? 14.192  -7.830  -17.464 1.00 25.23 ? 8   DC  A O2    1 
ATOM   162 N N3    . DC  A 1 8 ? 12.438  -8.668  -18.630 1.00 24.06 ? 8   DC  A N3    1 
ATOM   163 C C4    . DC  A 1 8 ? 11.115  -8.815  -18.728 1.00 24.81 ? 8   DC  A C4    1 
ATOM   164 N N4    . DC  A 1 8 ? 10.641  -9.490  -19.776 1.00 16.90 ? 8   DC  A N4    1 
ATOM   165 C C5    . DC  A 1 8 ? 10.221  -8.273  -17.756 1.00 24.54 ? 8   DC  A C5    1 
ATOM   166 C C6    . DC  A 1 8 ? 10.759  -7.590  -16.737 1.00 27.18 ? 8   DC  A C6    1 
ATOM   167 O "O5'" . G   B 1 1 ? 9.569   -1.695  1.133   1.00 46.03 ? 9   G   B "O5'" 1 
ATOM   168 C "C5'" . G   B 1 1 ? 10.613  -0.737  0.947   1.00 37.51 ? 9   G   B "C5'" 1 
ATOM   169 C "C4'" . G   B 1 1 ? 10.805  -0.460  -0.520  1.00 31.86 ? 9   G   B "C4'" 1 
ATOM   170 O "O4'" . G   B 1 1 ? 10.721  -1.717  -1.241  1.00 25.64 ? 9   G   B "O4'" 1 
ATOM   171 C "C3'" . G   B 1 1 ? 9.742   0.433   -1.136  1.00 30.98 ? 9   G   B "C3'" 1 
ATOM   172 O "O3'" . G   B 1 1 ? 10.150  1.797   -1.047  1.00 32.61 ? 9   G   B "O3'" 1 
ATOM   173 C "C2'" . G   B 1 1 ? 9.685   -0.083  -2.566  1.00 31.37 ? 9   G   B "C2'" 1 
ATOM   174 O "O2'" . G   B 1 1 ? 10.777  0.350   -3.353  1.00 23.19 ? 9   G   B "O2'" 1 
ATOM   175 C "C1'" . G   B 1 1 ? 9.833   -1.582  -2.331  1.00 27.69 ? 9   G   B "C1'" 1 
ATOM   176 N N9    . G   B 1 1 ? 8.601   -2.269  -1.958  1.00 29.93 ? 9   G   B N9    1 
ATOM   177 C C8    . G   B 1 1 ? 8.308   -2.768  -0.714  1.00 26.19 ? 9   G   B C8    1 
ATOM   178 N N7    . G   B 1 1 ? 7.167   -3.401  -0.671  1.00 33.32 ? 9   G   B N7    1 
ATOM   179 C C5    . G   B 1 1 ? 6.665   -3.300  -1.962  1.00 34.27 ? 9   G   B C5    1 
ATOM   180 C C6    . G   B 1 1 ? 5.465   -3.814  -2.526  1.00 32.51 ? 9   G   B C6    1 
ATOM   181 O O6    . G   B 1 1 ? 4.582   -4.492  -1.981  1.00 33.91 ? 9   G   B O6    1 
ATOM   182 N N1    . G   B 1 1 ? 5.345   -3.477  -3.867  1.00 28.00 ? 9   G   B N1    1 
ATOM   183 C C2    . G   B 1 1 ? 6.260   -2.747  -4.583  1.00 20.79 ? 9   G   B C2    1 
ATOM   184 N N2    . G   B 1 1 ? 5.950   -2.515  -5.865  1.00 18.73 ? 9   G   B N2    1 
ATOM   185 N N3    . G   B 1 1 ? 7.392   -2.277  -4.080  1.00 25.13 ? 9   G   B N3    1 
ATOM   186 C C4    . G   B 1 1 ? 7.528   -2.587  -2.770  1.00 30.18 ? 9   G   B C4    1 
ATOM   187 P P     . U   B 1 2 ? 9.044   2.961   -0.963  1.00 29.47 ? 10  U   B P     1 
ATOM   188 O OP1   . U   B 1 2 ? 9.720   4.267   -0.745  1.00 31.41 ? 10  U   B OP1   1 
ATOM   189 O OP2   . U   B 1 2 ? 8.018   2.498   0.000   1.00 33.17 ? 10  U   B OP2   1 
ATOM   190 O "O5'" . U   B 1 2 ? 8.382   2.970   -2.409  1.00 33.25 ? 10  U   B "O5'" 1 
ATOM   191 C "C5'" . U   B 1 2 ? 9.147   3.326   -3.575  1.00 31.40 ? 10  U   B "C5'" 1 
ATOM   192 C "C4'" . U   B 1 2 ? 8.276   3.243   -4.801  1.00 28.49 ? 10  U   B "C4'" 1 
ATOM   193 O "O4'" . U   B 1 2 ? 7.965   1.855   -5.087  1.00 27.75 ? 10  U   B "O4'" 1 
ATOM   194 C "C3'" . U   B 1 2 ? 6.925   3.903   -4.617  1.00 25.30 ? 10  U   B "C3'" 1 
ATOM   195 O "O3'" . U   B 1 2 ? 7.011   5.292   -4.894  1.00 32.00 ? 10  U   B "O3'" 1 
ATOM   196 C "C2'" . U   B 1 2 ? 6.069   3.152   -5.622  1.00 18.52 ? 10  U   B "C2'" 1 
ATOM   197 O "O2'" . U   B 1 2 ? 6.344   3.587   -6.938  1.00 21.17 ? 10  U   B "O2'" 1 
ATOM   198 C "C1'" . U   B 1 2 ? 6.597   1.731   -5.439  1.00 18.43 ? 10  U   B "C1'" 1 
ATOM   199 N N1    . U   B 1 2 ? 5.937   0.987   -4.358  1.00 18.78 ? 10  U   B N1    1 
ATOM   200 C C2    . U   B 1 2 ? 4.807   0.292   -4.743  1.00 21.37 ? 10  U   B C2    1 
ATOM   201 O O2    . U   B 1 2 ? 4.361   0.327   -5.877  1.00 23.34 ? 10  U   B O2    1 
ATOM   202 N N3    . U   B 1 2 ? 4.218   -0.449  -3.747  1.00 21.22 ? 10  U   B N3    1 
ATOM   203 C C4    . U   B 1 2 ? 4.633   -0.554  -2.429  1.00 16.82 ? 10  U   B C4    1 
ATOM   204 O O4    . U   B 1 2 ? 4.018   -1.290  -1.655  1.00 17.94 ? 10  U   B O4    1 
ATOM   205 C C5    . U   B 1 2 ? 5.790   0.212   -2.111  1.00 8.56  ? 10  U   B C5    1 
ATOM   206 C C6    . U   B 1 2 ? 6.387   0.939   -3.063  1.00 20.56 ? 10  U   B C6    1 
ATOM   207 P P     . G   B 1 3 ? 6.140   6.322   -4.028  1.00 32.61 ? 11  G   B P     1 
ATOM   208 O OP1   . G   B 1 3 ? 6.555   7.712   -4.371  1.00 34.63 ? 11  G   B OP1   1 
ATOM   209 O OP2   . G   B 1 3 ? 6.193   5.862   -2.616  1.00 28.28 ? 11  G   B OP2   1 
ATOM   210 O "O5'" . G   B 1 3 ? 4.661   6.086   -4.555  1.00 19.23 ? 11  G   B "O5'" 1 
ATOM   211 C "C5'" . G   B 1 3 ? 4.255   6.611   -5.815  1.00 12.06 ? 11  G   B "C5'" 1 
ATOM   212 C "C4'" . G   B 1 3 ? 2.799   6.326   -6.048  1.00 12.21 ? 11  G   B "C4'" 1 
ATOM   213 O "O4'" . G   B 1 3 ? 2.611   4.900   -6.217  1.00 16.33 ? 11  G   B "O4'" 1 
ATOM   214 C "C3'" . G   B 1 3 ? 1.868   6.644   -4.893  1.00 12.57 ? 11  G   B "C3'" 1 
ATOM   215 O "O3'" . G   B 1 3 ? 1.565   8.028   -4.816  1.00 18.10 ? 11  G   B "O3'" 1 
ATOM   216 C "C2'" . G   B 1 3 ? 0.647   5.823   -5.269  1.00 10.99 ? 11  G   B "C2'" 1 
ATOM   217 O "O2'" . G   B 1 3 ? -0.094  6.416   -6.316  1.00 25.76 ? 11  G   B "O2'" 1 
ATOM   218 C "C1'" . G   B 1 3 ? 1.307   4.545   -5.786  1.00 8.92  ? 11  G   B "C1'" 1 
ATOM   219 N N9    . G   B 1 3 ? 1.419   3.546   -4.736  1.00 2.04  ? 11  G   B N9    1 
ATOM   220 C C8    . G   B 1 3 ? 2.496   3.301   -3.922  1.00 2.44  ? 11  G   B C8    1 
ATOM   221 N N7    . G   B 1 3 ? 2.270   2.361   -3.049  1.00 3.40  ? 11  G   B N7    1 
ATOM   222 C C5    . G   B 1 3 ? 0.967   1.959   -3.309  1.00 5.00  ? 11  G   B C5    1 
ATOM   223 C C6    . G   B 1 3 ? 0.180   0.985   -2.685  1.00 2.00  ? 11  G   B C6    1 
ATOM   224 O O6    . G   B 1 3 ? 0.467   0.264   -1.734  1.00 20.01 ? 11  G   B O6    1 
ATOM   225 N N1    . G   B 1 3 ? -1.073  0.888   -3.271  1.00 2.00  ? 11  G   B N1    1 
ATOM   226 C C2    . G   B 1 3 ? -1.509  1.647   -4.323  1.00 5.47  ? 11  G   B C2    1 
ATOM   227 N N2    . G   B 1 3 ? -2.758  1.403   -4.761  1.00 8.33  ? 11  G   B N2    1 
ATOM   228 N N3    . G   B 1 3 ? -0.783  2.573   -4.907  1.00 12.63 ? 11  G   B N3    1 
ATOM   229 C C4    . G   B 1 3 ? 0.440   2.674   -4.352  1.00 6.42  ? 11  G   B C4    1 
ATOM   230 P P     . C   B 1 4 ? 1.275   8.692   -3.384  1.00 16.10 ? 12  C   B P     1 
ATOM   231 O OP1   . C   B 1 4 ? 1.189   10.153  -3.578  1.00 18.26 ? 12  C   B OP1   1 
ATOM   232 O OP2   . C   B 1 4 ? 2.245   8.132   -2.408  1.00 13.34 ? 12  C   B OP2   1 
ATOM   233 O "O5'" . C   B 1 4 ? -0.170  8.143   -3.020  1.00 15.50 ? 12  C   B "O5'" 1 
ATOM   234 C "C5'" . C   B 1 4 ? -1.290  8.495   -3.834  1.00 17.79 ? 12  C   B "C5'" 1 
ATOM   235 C "C4'" . C   B 1 4 ? -2.535  7.793   -3.353  1.00 20.20 ? 12  C   B "C4'" 1 
ATOM   236 O "O4'" . C   B 1 4 ? -2.431  6.372   -3.633  1.00 19.29 ? 12  C   B "O4'" 1 
ATOM   237 C "C3'" . C   B 1 4 ? -2.814  7.833   -1.856  1.00 24.73 ? 12  C   B "C3'" 1 
ATOM   238 O "O3'" . C   B 1 4 ? -3.377  9.062   -1.407  1.00 25.39 ? 12  C   B "O3'" 1 
ATOM   239 C "C2'" . C   B 1 4 ? -3.787  6.674   -1.709  1.00 27.96 ? 12  C   B "C2'" 1 
ATOM   240 O "O2'" . C   B 1 4 ? -5.090  7.000   -2.157  1.00 25.36 ? 12  C   B "O2'" 1 
ATOM   241 C "C1'" . C   B 1 4 ? -3.149  5.645   -2.646  1.00 21.30 ? 12  C   B "C1'" 1 
ATOM   242 N N1    . C   B 1 4 ? -2.196  4.793   -1.926  1.00 15.55 ? 12  C   B N1    1 
ATOM   243 C C2    . C   B 1 4 ? -2.685  3.706   -1.194  1.00 11.58 ? 12  C   B C2    1 
ATOM   244 O O2    . C   B 1 4 ? -3.903  3.476   -1.201  1.00 10.61 ? 12  C   B O2    1 
ATOM   245 N N3    . C   B 1 4 ? -1.819  2.936   -0.503  1.00 13.03 ? 12  C   B N3    1 
ATOM   246 C C4    . C   B 1 4 ? -0.510  3.216   -0.528  1.00 19.49 ? 12  C   B C4    1 
ATOM   247 N N4    . C   B 1 4 ? 0.309   2.455   0.201   1.00 25.23 ? 12  C   B N4    1 
ATOM   248 C C5    . C   B 1 4 ? 0.015   4.300   -1.290  1.00 11.61 ? 12  C   B C5    1 
ATOM   249 C C6    . C   B 1 4 ? -0.856  5.059   -1.963  1.00 4.47  ? 12  C   B C6    1 
ATOM   250 P P     . A   B 1 5 ? -3.071  9.574   0.087   1.00 19.11 ? 13  A   B P     1 
ATOM   251 O OP1   . A   B 1 5 ? -3.535  10.970  0.158   1.00 32.49 ? 13  A   B OP1   1 
ATOM   252 O OP2   . A   B 1 5 ? -1.657  9.250   0.421   1.00 19.92 ? 13  A   B OP2   1 
ATOM   253 O "O5'" . A   B 1 5 ? -4.034  8.699   0.999   1.00 22.05 ? 13  A   B "O5'" 1 
ATOM   254 C "C5'" . A   B 1 5 ? -5.451  8.727   0.785   1.00 16.82 ? 13  A   B "C5'" 1 
ATOM   255 C "C4'" . A   B 1 5 ? -6.104  7.567   1.482   1.00 17.78 ? 13  A   B "C4'" 1 
ATOM   256 O "O4'" . A   B 1 5 ? -5.558  6.327   0.966   1.00 19.85 ? 13  A   B "O4'" 1 
ATOM   257 C "C3'" . A   B 1 5 ? -5.818  7.486   2.966   1.00 25.58 ? 13  A   B "C3'" 1 
ATOM   258 O "O3'" . A   B 1 5 ? -6.652  8.386   3.680   1.00 40.27 ? 13  A   B "O3'" 1 
ATOM   259 C "C2'" . A   B 1 5 ? -6.086  6.013   3.257   1.00 24.40 ? 13  A   B "C2'" 1 
ATOM   260 O "O2'" . A   B 1 5 ? -7.458  5.677   3.346   1.00 16.90 ? 13  A   B "O2'" 1 
ATOM   261 C "C1'" . A   B 1 5 ? -5.496  5.363   2.007   1.00 15.28 ? 13  A   B "C1'" 1 
ATOM   262 N N9    . A   B 1 5 ? -4.103  4.959   2.172   1.00 16.32 ? 13  A   B N9    1 
ATOM   263 C C8    . A   B 1 5 ? -2.987  5.575   1.663   1.00 16.97 ? 13  A   B C8    1 
ATOM   264 N N7    . A   B 1 5 ? -1.865  4.974   1.972   1.00 15.28 ? 13  A   B N7    1 
ATOM   265 C C5    . A   B 1 5 ? -2.267  3.895   2.744   1.00 14.32 ? 13  A   B C5    1 
ATOM   266 C C6    . A   B 1 5 ? -1.545  2.866   3.380   1.00 16.57 ? 13  A   B C6    1 
ATOM   267 N N6    . A   B 1 5 ? -0.209  2.765   3.351   1.00 26.11 ? 13  A   B N6    1 
ATOM   268 N N1    . A   B 1 5 ? -2.252  1.932   4.058   1.00 16.21 ? 13  A   B N1    1 
ATOM   269 C C2    . A   B 1 5 ? -3.586  2.038   4.091   1.00 11.78 ? 13  A   B C2    1 
ATOM   270 N N3    . A   B 1 5 ? -4.373  2.961   3.538   1.00 7.30  ? 13  A   B N3    1 
ATOM   271 C C4    . A   B 1 5 ? -3.642  3.870   2.872   1.00 11.51 ? 13  A   B C4    1 
ATOM   272 P P     . C   B 1 6 ? -6.077  9.120   4.988   1.00 42.85 ? 14  C   B P     1 
ATOM   273 O OP1   . C   B 1 6 ? -6.938  10.298  5.258   1.00 52.43 ? 14  C   B OP1   1 
ATOM   274 O OP2   . C   B 1 6 ? -4.612  9.299   4.819   1.00 36.31 ? 14  C   B OP2   1 
ATOM   275 O "O5'" . C   B 1 6 ? -6.276  8.043   6.132   1.00 40.50 ? 14  C   B "O5'" 1 
ATOM   276 C "C5'" . C   B 1 6 ? -7.318  7.083   6.007   1.00 45.76 ? 14  C   B "C5'" 1 
ATOM   277 C "C4'" . C   B 1 6 ? -6.858  5.746   6.506   1.00 45.77 ? 14  C   B "C4'" 1 
ATOM   278 O "O4'" . C   B 1 6 ? -5.815  5.206   5.656   1.00 39.38 ? 14  C   B "O4'" 1 
ATOM   279 C "C3'" . C   B 1 6 ? -6.180  5.775   7.853   1.00 51.36 ? 14  C   B "C3'" 1 
ATOM   280 O "O3'" . C   B 1 6 ? -7.157  5.898   8.873   1.00 65.04 ? 14  C   B "O3'" 1 
ATOM   281 C "C2'" . C   B 1 6 ? -5.490  4.417   7.865   1.00 46.49 ? 14  C   B "C2'" 1 
ATOM   282 O "O2'" . C   B 1 6 ? -6.400  3.360   8.095   1.00 51.48 ? 14  C   B "O2'" 1 
ATOM   283 C "C1'" . C   B 1 6 ? -5.031  4.300   6.414   1.00 37.32 ? 14  C   B "C1'" 1 
ATOM   284 N N1    . C   B 1 6 ? -3.606  4.584   6.198   1.00 35.36 ? 14  C   B N1    1 
ATOM   285 C C2    . C   B 1 6 ? -2.674  3.592   6.527   1.00 36.04 ? 14  C   B C2    1 
ATOM   286 O O2    . C   B 1 6 ? -3.085  2.529   7.024   1.00 41.95 ? 14  C   B O2    1 
ATOM   287 N N3    . C   B 1 6 ? -1.362  3.807   6.295   1.00 33.10 ? 14  C   B N3    1 
ATOM   288 C C4    . C   B 1 6 ? -0.961  4.953   5.752   1.00 29.23 ? 14  C   B C4    1 
ATOM   289 N N4    . C   B 1 6 ? 0.340   5.101   5.504   1.00 30.92 ? 14  C   B N4    1 
ATOM   290 C C5    . C   B 1 6 ? -1.882  5.995   5.428   1.00 31.17 ? 14  C   B C5    1 
ATOM   291 C C6    . C   B 1 6 ? -3.185  5.773   5.669   1.00 33.87 ? 14  C   B C6    1 
ATOM   292 P P     . A   B 1 7 ? -6.978  7.023   10.000  1.00 73.31 ? 15  A   B P     1 
ATOM   293 O OP1   . A   B 1 7 ? -8.243  7.790   10.070  1.00 73.78 ? 15  A   B OP1   1 
ATOM   294 O OP2   . A   B 1 7 ? -5.698  7.730   9.718   1.00 72.34 ? 15  A   B OP2   1 
ATOM   295 O "O5'" . A   B 1 7 ? -6.782  6.201   11.356  1.00 73.01 ? 15  A   B "O5'" 1 
ATOM   296 C "C5'" . A   B 1 7 ? -7.311  4.861   11.520  1.00 70.00 ? 15  A   B "C5'" 1 
ATOM   297 C "C4'" . A   B 1 7 ? -6.263  3.973   12.148  1.00 70.39 ? 15  A   B "C4'" 1 
ATOM   298 O "O4'" . A   B 1 7 ? -5.284  3.568   11.152  1.00 72.88 ? 15  A   B "O4'" 1 
ATOM   299 C "C3'" . A   B 1 7 ? -5.457  4.695   13.210  1.00 71.98 ? 15  A   B "C3'" 1 
ATOM   300 O "O3'" . A   B 1 7 ? -6.076  4.565   14.464  1.00 75.85 ? 15  A   B "O3'" 1 
ATOM   301 C "C2'" . A   B 1 7 ? -4.124  3.970   13.160  1.00 69.51 ? 15  A   B "C2'" 1 
ATOM   302 O "O2'" . A   B 1 7 ? -4.186  2.713   13.801  1.00 73.35 ? 15  A   B "O2'" 1 
ATOM   303 C "C1'" . A   B 1 7 ? -3.972  3.770   11.652  1.00 69.79 ? 15  A   B "C1'" 1 
ATOM   304 N N9    . A   B 1 7 ? -3.434  4.946   10.971  0.00 68.31 ? 15  A   B N9    1 
ATOM   305 C C8    . A   B 1 7 ? -4.024  6.183   10.874  0.00 67.49 ? 15  A   B C8    1 
ATOM   306 N N7    . A   B 1 7 ? -3.338  7.040   10.157  0.00 67.05 ? 15  A   B N7    1 
ATOM   307 C C5    . A   B 1 7 ? -2.217  6.329   9.764   0.00 66.51 ? 15  A   B C5    1 
ATOM   308 C C6    . A   B 1 7 ? -1.109  6.667   8.977   0.00 65.87 ? 15  A   B C6    1 
ATOM   309 N N6    . A   B 1 7 ? -0.939  7.868   8.419   0.00 65.46 ? 15  A   B N6    1 
ATOM   310 N N1    . A   B 1 7 ? -0.171  5.720   8.776   0.00 65.77 ? 15  A   B N1    1 
ATOM   311 C C2    . A   B 1 7 ? -0.338  4.514   9.337   0.00 65.78 ? 15  A   B C2    1 
ATOM   312 N N3    . A   B 1 7 ? -1.336  4.077   10.097  0.00 66.65 ? 15  A   B N3    1 
ATOM   313 C C4    . A   B 1 7 ? -2.256  5.041   10.271  0.00 67.07 ? 15  A   B C4    1 
ATOM   314 P P     . DC  B 1 8 ? -6.412  5.881   15.306  1.00 77.20 ? 16  DC  B P     1 
ATOM   315 O OP1   . DC  B 1 8 ? -7.648  6.482   14.729  1.00 79.10 ? 16  DC  B OP1   1 
ATOM   316 O OP2   . DC  B 1 8 ? -5.172  6.684   15.358  1.00 84.04 ? 16  DC  B OP2   1 
ATOM   317 O "O5'" . DC  B 1 8 ? -6.740  5.306   16.751  1.00 72.80 ? 16  DC  B "O5'" 1 
ATOM   318 C "C5'" . DC  B 1 8 ? -7.290  6.149   17.765  1.00 68.01 ? 16  DC  B "C5'" 1 
ATOM   319 C "C4'" . DC  B 1 8 ? -8.514  5.496   18.372  1.00 62.05 ? 16  DC  B "C4'" 1 
ATOM   320 O "O4'" . DC  B 1 8 ? -9.576  5.465   17.389  1.00 60.18 ? 16  DC  B "O4'" 1 
ATOM   321 C "C3'" . DC  B 1 8 ? -8.283  4.046   18.799  1.00 60.37 ? 16  DC  B "C3'" 1 
ATOM   322 O "O3'" . DC  B 1 8 ? -7.972  3.782   20.163  1.00 61.06 ? 16  DC  B "O3'" 1 
ATOM   323 C "C2'" . DC  B 1 8 ? -9.338  3.227   18.070  1.00 58.15 ? 16  DC  B "C2'" 1 
ATOM   324 C "C1'" . DC  B 1 8 ? -10.293 4.246   17.463  1.00 52.04 ? 16  DC  B "C1'" 1 
ATOM   325 N N1    . DC  B 1 8 ? -10.647 3.853   16.091  1.00 45.22 ? 16  DC  B N1    1 
ATOM   326 C C2    . DC  B 1 8 ? -11.984 3.886   15.692  1.00 38.42 ? 16  DC  B C2    1 
ATOM   327 O O2    . DC  B 1 8 ? -12.841 4.309   16.493  1.00 39.12 ? 16  DC  B O2    1 
ATOM   328 N N3    . DC  B 1 8 ? -12.307 3.461   14.449  1.00 40.63 ? 16  DC  B N3    1 
ATOM   329 C C4    . DC  B 1 8 ? -11.354 3.030   13.613  1.00 42.57 ? 16  DC  B C4    1 
ATOM   330 N N4    . DC  B 1 8 ? -11.710 2.588   12.404  1.00 47.79 ? 16  DC  B N4    1 
ATOM   331 C C5    . DC  B 1 8 ? -9.983  3.025   13.986  1.00 43.37 ? 16  DC  B C5    1 
ATOM   332 C C6    . DC  B 1 8 ? -9.676  3.442   15.218  1.00 45.71 ? 16  DC  B C6    1 
HETATM 333 O O     . HOH C 2 . ? -0.439  -9.866  7.036   1.00 30.78 ? 201 HOH A O     1 
HETATM 334 O O     . HOH C 2 . ? -1.898  -6.395  1.690   1.00 71.91 ? 202 HOH A O     1 
HETATM 335 O O     . HOH C 2 . ? 2.128   -8.150  -1.984  1.00 35.84 ? 203 HOH A O     1 
HETATM 336 O O     . HOH C 2 . ? -3.330  -8.418  -2.737  1.00 26.38 ? 204 HOH A O     1 
HETATM 337 O O     . HOH C 2 . ? 4.122   -4.333  2.805   1.00 45.27 ? 205 HOH A O     1 
HETATM 338 O O     . HOH C 2 . ? 1.762   -0.793  0.939   1.00 14.25 ? 206 HOH A O     1 
HETATM 339 O O     . HOH C 2 . ? -10.155 -2.559  -6.057  1.00 22.46 ? 212 HOH A O     1 
HETATM 340 O O     . HOH C 2 . ? -0.375  -9.177  4.151   1.00 38.68 ? 216 HOH A O     1 
HETATM 341 O O     . HOH C 2 . ? -3.565  -11.555 -1.505  1.00 51.41 ? 221 HOH A O     1 
HETATM 342 O O     . HOH C 2 . ? -2.656  -10.902 4.360   1.00 35.59 ? 223 HOH A O     1 
HETATM 343 O O     . HOH C 2 . ? -5.659  -0.844  5.800   1.00 21.00 ? 224 HOH A O     1 
HETATM 344 O O     . HOH C 2 . ? -5.665  -8.597  -8.438  1.00 43.24 ? 228 HOH A O     1 
HETATM 345 O O     . HOH D 2 . ? 13.742  -5.351  1.007   1.00 25.62 ? 207 HOH B O     1 
HETATM 346 O O     . HOH D 2 . ? 11.753  -3.841  2.094   1.00 38.08 ? 208 HOH B O     1 
HETATM 347 O O     . HOH D 2 . ? -0.251  6.498   1.427   1.00 34.60 ? 209 HOH B O     1 
HETATM 348 O O     . HOH D 2 . ? -8.898  11.206  8.024   1.00 21.74 ? 210 HOH B O     1 
HETATM 349 O O     . HOH D 2 . ? -8.887  12.737  6.382   1.00 17.91 ? 211 HOH B O     1 
HETATM 350 O O     . HOH D 2 . ? 15.149  1.391   2.484   1.00 73.42 ? 213 HOH B O     1 
HETATM 351 O O     . HOH D 2 . ? 3.107   4.474   2.083   1.00 59.89 ? 214 HOH B O     1 
HETATM 352 O O     . HOH D 2 . ? 7.538   0.166   1.667   1.00 43.85 ? 215 HOH B O     1 
HETATM 353 O O     . HOH D 2 . ? -11.266 5.985   13.191  1.00 33.31 ? 217 HOH B O     1 
HETATM 354 O O     . HOH D 2 . ? 11.273  6.778   -3.903  1.00 49.32 ? 218 HOH B O     1 
HETATM 355 O O     . HOH D 2 . ? 12.006  1.274   2.889   1.00 43.08 ? 219 HOH B O     1 
HETATM 356 O O     . HOH D 2 . ? 14.283  6.119   3.872   1.00 36.38 ? 220 HOH B O     1 
HETATM 357 O O     . HOH D 2 . ? 3.812   -6.897  0.071   1.00 53.74 ? 222 HOH B O     1 
HETATM 358 O O     . HOH D 2 . ? -7.390  4.591   -4.665  1.00 33.19 ? 225 HOH B O     1 
HETATM 359 O O     . HOH D 2 . ? 0.539   9.867   6.386   1.00 59.13 ? 226 HOH B O     1 
HETATM 360 O O     . HOH D 2 . ? -6.886  9.774   16.607  1.00 44.06 ? 227 HOH B O     1 
# 
